data_1COK
#
_entry.id   1COK
#
_cell.length_a   1.000
_cell.length_b   1.000
_cell.length_c   1.000
_cell.angle_alpha   90.00
_cell.angle_beta   90.00
_cell.angle_gamma   90.00
#
_symmetry.space_group_name_H-M   'P 1'
#
_entity_poly.entity_id   1
_entity_poly.type   'polypeptide(L)'
_entity_poly.pdbx_seq_one_letter_code
;YHADPSLVSFLTGLGCPNCIEYFTSQGLQSIYHLQNLTIEDLGALKIPEQYRMTIWRGLQDLKQGHDY
;
_entity_poly.pdbx_strand_id   A
#
# COMPACT_ATOMS: atom_id res chain seq x y z
N TYR A 1 4.60 -12.33 -14.13
CA TYR A 1 3.21 -12.70 -14.48
C TYR A 1 2.63 -11.72 -15.50
N HIS A 2 3.50 -11.05 -16.25
CA HIS A 2 3.07 -10.09 -17.25
C HIS A 2 2.06 -9.10 -16.66
N ALA A 3 2.57 -7.95 -16.23
CA ALA A 3 1.71 -6.92 -15.64
C ALA A 3 1.12 -7.38 -14.31
N ASP A 4 0.91 -6.44 -13.41
CA ASP A 4 0.34 -6.75 -12.10
C ASP A 4 -0.65 -5.68 -11.67
N PRO A 5 -1.87 -5.69 -12.26
CA PRO A 5 -2.91 -4.71 -11.94
C PRO A 5 -3.31 -4.75 -10.46
N SER A 6 -3.34 -5.95 -9.89
CA SER A 6 -3.71 -6.13 -8.50
C SER A 6 -2.69 -5.47 -7.58
N LEU A 7 -2.71 -4.14 -7.52
CA LEU A 7 -1.79 -3.41 -6.67
C LEU A 7 -2.00 -1.90 -6.84
N VAL A 8 -2.00 -1.45 -8.10
CA VAL A 8 -2.18 -0.04 -8.40
C VAL A 8 -3.58 0.43 -8.05
N SER A 9 -4.59 -0.30 -8.53
CA SER A 9 -5.98 0.04 -8.26
C SER A 9 -6.27 0.03 -6.77
N PHE A 10 -5.49 -0.74 -6.02
CA PHE A 10 -5.68 -0.84 -4.58
C PHE A 10 -4.92 0.25 -3.84
N LEU A 11 -3.64 0.40 -4.16
CA LEU A 11 -2.81 1.42 -3.52
C LEU A 11 -3.49 2.78 -3.55
N THR A 12 -3.91 3.18 -4.75
CA THR A 12 -4.59 4.46 -4.93
C THR A 12 -6.02 4.38 -4.41
N GLY A 13 -6.72 3.31 -4.80
CA GLY A 13 -8.10 3.12 -4.36
C GLY A 13 -8.25 3.28 -2.87
N LEU A 14 -7.20 2.94 -2.13
CA LEU A 14 -7.20 3.06 -0.68
C LEU A 14 -7.38 4.50 -0.24
N GLY A 15 -7.18 5.44 -1.17
CA GLY A 15 -7.32 6.84 -0.85
C GLY A 15 -6.01 7.59 -1.03
N CYS A 16 -5.04 6.96 -1.68
CA CYS A 16 -3.74 7.58 -1.91
C CYS A 16 -3.48 7.79 -3.40
N PRO A 17 -4.26 8.69 -4.04
CA PRO A 17 -4.11 8.98 -5.47
C PRO A 17 -2.85 9.79 -5.77
N ASN A 18 -2.29 10.42 -4.74
CA ASN A 18 -1.08 11.22 -4.90
C ASN A 18 -0.04 10.84 -3.86
N CYS A 19 -0.16 9.63 -3.31
CA CYS A 19 0.79 9.14 -2.32
C CYS A 19 1.63 8.01 -2.88
N ILE A 20 1.06 7.28 -3.83
CA ILE A 20 1.76 6.17 -4.46
C ILE A 20 3.12 6.61 -4.97
N GLU A 21 3.19 7.85 -5.45
CA GLU A 21 4.45 8.39 -5.96
C GLU A 21 5.53 8.34 -4.89
N TYR A 22 5.17 8.72 -3.67
CA TYR A 22 6.12 8.69 -2.56
C TYR A 22 6.41 7.26 -2.13
N PHE A 23 5.41 6.41 -2.26
CA PHE A 23 5.56 5.00 -1.90
C PHE A 23 6.39 4.27 -2.95
N THR A 24 6.08 4.51 -4.22
CA THR A 24 6.81 3.88 -5.31
C THR A 24 8.30 4.16 -5.20
N SER A 25 8.64 5.33 -4.66
CA SER A 25 10.04 5.72 -4.50
C SER A 25 10.85 4.62 -3.83
N GLN A 26 10.16 3.78 -3.06
CA GLN A 26 10.81 2.68 -2.36
C GLN A 26 10.60 1.37 -3.10
N GLY A 27 9.35 1.10 -3.49
CA GLY A 27 9.03 -0.12 -4.20
C GLY A 27 7.63 -0.61 -3.92
N LEU A 28 6.66 0.29 -3.99
CA LEU A 28 5.27 -0.05 -3.73
C LEU A 28 4.51 -0.27 -5.03
N GLN A 29 5.16 -0.90 -6.00
CA GLN A 29 4.53 -1.19 -7.28
C GLN A 29 4.05 -2.64 -7.31
N SER A 30 4.75 -3.49 -6.59
CA SER A 30 4.39 -4.90 -6.48
C SER A 30 3.80 -5.19 -5.11
N ILE A 31 2.51 -5.46 -5.06
CA ILE A 31 1.83 -5.74 -3.80
C ILE A 31 2.62 -6.71 -2.93
N TYR A 32 3.41 -7.56 -3.58
CA TYR A 32 4.23 -8.52 -2.87
C TYR A 32 5.19 -7.79 -1.93
N HIS A 33 5.45 -6.52 -2.21
CA HIS A 33 6.34 -5.72 -1.38
C HIS A 33 5.60 -5.15 -0.17
N LEU A 34 4.27 -5.07 -0.25
CA LEU A 34 3.47 -4.55 0.83
C LEU A 34 2.65 -5.65 1.50
N GLN A 35 3.05 -6.89 1.29
CA GLN A 35 2.36 -8.04 1.86
C GLN A 35 2.51 -8.08 3.37
N ASN A 36 3.60 -7.54 3.86
CA ASN A 36 3.90 -7.54 5.29
C ASN A 36 3.89 -6.13 5.87
N LEU A 37 4.06 -5.15 5.00
CA LEU A 37 4.10 -3.75 5.41
C LEU A 37 2.99 -3.42 6.40
N THR A 38 3.27 -2.49 7.31
CA THR A 38 2.30 -2.08 8.31
C THR A 38 2.34 -0.58 8.54
N ILE A 39 1.48 -0.09 9.41
CA ILE A 39 1.47 1.31 9.78
C ILE A 39 2.83 1.69 10.36
N GLU A 40 3.42 0.71 11.05
CA GLU A 40 4.73 0.90 11.66
C GLU A 40 5.76 1.28 10.61
N ASP A 41 5.81 0.51 9.53
CA ASP A 41 6.74 0.77 8.43
C ASP A 41 6.23 1.91 7.55
N LEU A 42 4.93 2.12 7.56
CA LEU A 42 4.32 3.17 6.76
C LEU A 42 4.88 4.54 7.17
N GLY A 43 4.89 4.79 8.47
CA GLY A 43 5.43 6.05 8.96
C GLY A 43 6.94 6.15 8.83
N ALA A 44 7.56 5.05 8.41
CA ALA A 44 9.01 5.02 8.22
C ALA A 44 9.38 5.72 6.92
N LEU A 45 8.63 5.43 5.86
CA LEU A 45 8.85 6.03 4.56
C LEU A 45 9.02 7.54 4.68
N LYS A 46 8.38 8.10 5.69
CA LYS A 46 8.41 9.54 5.96
C LYS A 46 7.40 10.28 5.10
N ILE A 47 6.40 9.56 4.63
CA ILE A 47 5.34 10.16 3.82
C ILE A 47 4.30 10.81 4.72
N PRO A 48 3.81 12.01 4.34
CA PRO A 48 2.82 12.74 5.12
C PRO A 48 1.75 11.81 5.71
N GLU A 49 1.40 12.04 6.97
CA GLU A 49 0.41 11.22 7.65
C GLU A 49 -1.00 11.60 7.24
N GLN A 50 -1.28 11.58 5.94
CA GLN A 50 -2.61 11.91 5.44
C GLN A 50 -3.50 10.68 5.45
N TYR A 51 -2.95 9.55 5.03
CA TYR A 51 -3.70 8.29 4.99
C TYR A 51 -2.82 7.12 5.43
N ARG A 52 -1.87 7.39 6.31
CA ARG A 52 -0.97 6.36 6.81
C ARG A 52 -1.76 5.16 7.32
N MET A 53 -2.62 5.39 8.30
CA MET A 53 -3.44 4.33 8.86
C MET A 53 -4.31 3.69 7.80
N THR A 54 -4.94 4.52 6.96
CA THR A 54 -5.79 4.03 5.89
C THR A 54 -5.06 2.98 5.06
N ILE A 55 -3.85 3.33 4.64
CA ILE A 55 -3.04 2.42 3.84
C ILE A 55 -2.76 1.13 4.60
N TRP A 56 -2.38 1.26 5.87
CA TRP A 56 -2.10 0.10 6.72
C TRP A 56 -3.34 -0.81 6.79
N ARG A 57 -4.43 -0.27 7.32
CA ARG A 57 -5.67 -1.05 7.45
C ARG A 57 -6.04 -1.68 6.11
N GLY A 58 -5.69 -1.01 5.03
CA GLY A 58 -5.96 -1.54 3.70
C GLY A 58 -5.03 -2.68 3.35
N LEU A 59 -3.77 -2.56 3.77
CA LEU A 59 -2.79 -3.59 3.53
C LEU A 59 -3.13 -4.85 4.31
N GLN A 60 -3.55 -4.67 5.56
CA GLN A 60 -3.94 -5.79 6.41
C GLN A 60 -5.11 -6.53 5.78
N ASP A 61 -5.91 -5.81 5.00
CA ASP A 61 -7.06 -6.41 4.32
C ASP A 61 -6.60 -7.56 3.44
N LEU A 62 -5.48 -7.37 2.76
CA LEU A 62 -4.93 -8.40 1.90
C LEU A 62 -4.64 -9.67 2.70
N LYS A 63 -3.91 -9.51 3.79
CA LYS A 63 -3.56 -10.63 4.66
C LYS A 63 -4.83 -11.29 5.21
N GLN A 64 -5.82 -10.47 5.54
CA GLN A 64 -7.08 -10.96 6.07
C GLN A 64 -7.76 -11.89 5.06
N GLY A 65 -8.43 -11.30 4.08
CA GLY A 65 -9.10 -12.09 3.07
C GLY A 65 -10.62 -12.00 3.17
N HIS A 66 -11.28 -11.93 2.02
CA HIS A 66 -12.74 -11.84 1.98
C HIS A 66 -13.32 -13.02 1.20
N ASP A 67 -13.86 -13.99 1.94
CA ASP A 67 -14.45 -15.17 1.32
C ASP A 67 -15.55 -15.75 2.20
N TYR A 68 -16.76 -15.81 1.66
CA TYR A 68 -17.91 -16.34 2.39
C TYR A 68 -18.05 -15.65 3.74
N TYR A 1 7.16 -4.56 -18.76
CA TYR A 1 6.43 -5.51 -19.63
C TYR A 1 5.26 -6.15 -18.90
N HIS A 2 5.58 -6.93 -17.88
CA HIS A 2 4.56 -7.62 -17.10
C HIS A 2 4.11 -6.77 -15.92
N ALA A 3 3.32 -5.73 -16.21
CA ALA A 3 2.81 -4.84 -15.17
C ALA A 3 2.08 -5.62 -14.08
N ASP A 4 1.72 -4.92 -13.00
CA ASP A 4 1.02 -5.55 -11.90
C ASP A 4 -0.13 -4.66 -11.43
N PRO A 5 -1.18 -4.51 -12.25
CA PRO A 5 -2.34 -3.67 -11.91
C PRO A 5 -2.91 -4.03 -10.54
N SER A 6 -2.76 -5.29 -10.15
CA SER A 6 -3.27 -5.76 -8.87
C SER A 6 -2.42 -5.22 -7.71
N LEU A 7 -2.38 -3.89 -7.58
CA LEU A 7 -1.63 -3.25 -6.53
C LEU A 7 -1.78 -1.73 -6.59
N VAL A 8 -1.56 -1.17 -7.77
CA VAL A 8 -1.69 0.27 -7.97
C VAL A 8 -3.13 0.71 -7.79
N SER A 9 -4.06 -0.15 -8.18
CA SER A 9 -5.49 0.15 -8.06
C SER A 9 -5.91 0.13 -6.59
N PHE A 10 -5.21 -0.65 -5.78
CA PHE A 10 -5.51 -0.75 -4.36
C PHE A 10 -4.80 0.35 -3.58
N LEU A 11 -3.52 0.54 -3.86
CA LEU A 11 -2.73 1.58 -3.19
C LEU A 11 -3.42 2.92 -3.32
N THR A 12 -3.83 3.25 -4.54
CA THR A 12 -4.54 4.50 -4.79
C THR A 12 -6.01 4.34 -4.44
N GLY A 13 -6.57 3.19 -4.78
CA GLY A 13 -7.97 2.92 -4.48
C GLY A 13 -8.31 3.22 -3.04
N LEU A 14 -7.33 3.06 -2.16
CA LEU A 14 -7.52 3.34 -0.75
C LEU A 14 -7.98 4.79 -0.54
N GLY A 15 -7.71 5.63 -1.53
CA GLY A 15 -8.07 7.03 -1.44
C GLY A 15 -6.85 7.93 -1.43
N CYS A 16 -5.73 7.40 -1.89
CA CYS A 16 -4.48 8.17 -1.91
C CYS A 16 -3.94 8.26 -3.34
N PRO A 17 -4.50 9.16 -4.16
CA PRO A 17 -4.07 9.36 -5.55
C PRO A 17 -2.89 10.30 -5.69
N ASN A 18 -2.23 10.59 -4.56
CA ASN A 18 -1.07 11.49 -4.57
C ASN A 18 -0.01 11.03 -3.58
N CYS A 19 -0.01 9.73 -3.28
CA CYS A 19 0.94 9.16 -2.34
C CYS A 19 1.80 8.09 -3.00
N ILE A 20 1.21 7.34 -3.93
CA ILE A 20 1.92 6.28 -4.64
C ILE A 20 3.28 6.76 -5.13
N GLU A 21 3.39 8.06 -5.39
CA GLU A 21 4.64 8.64 -5.85
C GLU A 21 5.74 8.42 -4.83
N TYR A 22 5.42 8.69 -3.56
CA TYR A 22 6.38 8.51 -2.48
C TYR A 22 6.50 7.05 -2.09
N PHE A 23 5.43 6.29 -2.29
CA PHE A 23 5.41 4.88 -1.96
C PHE A 23 6.14 4.06 -3.02
N THR A 24 5.89 4.39 -4.28
CA THR A 24 6.54 3.69 -5.39
C THR A 24 8.03 3.99 -5.42
N SER A 25 8.40 5.17 -4.93
CA SER A 25 9.79 5.58 -4.89
C SER A 25 10.64 4.54 -4.18
N GLN A 26 10.01 3.74 -3.33
CA GLN A 26 10.71 2.70 -2.59
C GLN A 26 10.54 1.34 -3.25
N GLY A 27 9.28 0.95 -3.43
CA GLY A 27 8.99 -0.33 -4.05
C GLY A 27 7.56 -0.77 -3.80
N LEU A 28 6.62 0.16 -3.91
CA LEU A 28 5.22 -0.14 -3.69
C LEU A 28 4.50 -0.37 -5.02
N GLN A 29 5.16 -1.06 -5.93
CA GLN A 29 4.58 -1.38 -7.23
C GLN A 29 4.05 -2.80 -7.23
N SER A 30 4.65 -3.65 -6.39
CA SER A 30 4.23 -5.03 -6.25
C SER A 30 3.70 -5.28 -4.85
N ILE A 31 2.39 -5.48 -4.74
CA ILE A 31 1.76 -5.71 -3.44
C ILE A 31 2.55 -6.72 -2.62
N TYR A 32 3.25 -7.62 -3.30
CA TYR A 32 4.07 -8.62 -2.64
C TYR A 32 5.12 -7.96 -1.74
N HIS A 33 5.42 -6.69 -2.03
CA HIS A 33 6.40 -5.95 -1.25
C HIS A 33 5.75 -5.33 -0.02
N LEU A 34 4.42 -5.20 -0.05
CA LEU A 34 3.68 -4.62 1.07
C LEU A 34 2.78 -5.65 1.76
N GLN A 35 2.86 -6.90 1.32
CA GLN A 35 2.04 -7.96 1.89
C GLN A 35 2.20 -8.01 3.40
N ASN A 36 3.41 -7.76 3.88
CA ASN A 36 3.69 -7.82 5.31
C ASN A 36 4.02 -6.43 5.87
N LEU A 37 3.62 -5.38 5.15
CA LEU A 37 3.87 -4.02 5.60
C LEU A 37 2.77 -3.56 6.55
N THR A 38 3.10 -2.58 7.40
CA THR A 38 2.14 -2.06 8.37
C THR A 38 2.24 -0.54 8.48
N ILE A 39 1.36 0.02 9.29
CA ILE A 39 1.40 1.46 9.55
C ILE A 39 2.76 1.83 10.10
N GLU A 40 3.32 0.92 10.89
CA GLU A 40 4.63 1.11 11.48
C GLU A 40 5.67 1.41 10.42
N ASP A 41 5.67 0.60 9.36
CA ASP A 41 6.61 0.79 8.26
C ASP A 41 6.13 1.89 7.32
N LEU A 42 4.81 2.03 7.22
CA LEU A 42 4.21 3.05 6.38
C LEU A 42 4.82 4.41 6.68
N GLY A 43 4.82 4.77 7.96
CA GLY A 43 5.39 6.04 8.38
C GLY A 43 6.90 6.06 8.27
N ALA A 44 7.51 4.88 8.23
CA ALA A 44 8.95 4.78 8.10
C ALA A 44 9.42 5.48 6.83
N LEU A 45 8.69 5.25 5.74
CA LEU A 45 8.99 5.86 4.46
C LEU A 45 9.19 7.37 4.61
N LYS A 46 8.51 7.93 5.59
CA LYS A 46 8.55 9.37 5.87
C LYS A 46 7.52 10.12 5.05
N ILE A 47 6.52 9.39 4.57
CA ILE A 47 5.44 9.98 3.79
C ILE A 47 4.37 10.54 4.71
N PRO A 48 3.81 11.73 4.39
CA PRO A 48 2.79 12.36 5.21
C PRO A 48 1.81 11.36 5.81
N GLU A 49 1.24 11.71 6.96
CA GLU A 49 0.31 10.84 7.66
C GLU A 49 -1.13 11.11 7.25
N GLN A 50 -1.32 11.70 6.08
CA GLN A 50 -2.65 12.02 5.58
C GLN A 50 -3.52 10.77 5.55
N TYR A 51 -2.98 9.68 5.01
CA TYR A 51 -3.71 8.42 4.90
C TYR A 51 -2.80 7.23 5.19
N ARG A 52 -1.85 7.42 6.09
CA ARG A 52 -0.93 6.35 6.45
C ARG A 52 -1.66 5.16 7.06
N MET A 53 -2.50 5.45 8.07
CA MET A 53 -3.26 4.41 8.73
C MET A 53 -4.28 3.81 7.77
N THR A 54 -4.78 4.64 6.86
CA THR A 54 -5.75 4.19 5.87
C THR A 54 -5.17 3.06 5.02
N ILE A 55 -3.97 3.29 4.49
CA ILE A 55 -3.30 2.29 3.67
C ILE A 55 -3.01 1.03 4.48
N TRP A 56 -2.56 1.22 5.72
CA TRP A 56 -2.28 0.09 6.60
C TRP A 56 -3.52 -0.78 6.75
N ARG A 57 -4.65 -0.16 7.09
CA ARG A 57 -5.90 -0.88 7.25
C ARG A 57 -6.17 -1.74 6.03
N GLY A 58 -6.01 -1.15 4.85
CA GLY A 58 -6.21 -1.88 3.61
C GLY A 58 -5.17 -2.97 3.44
N LEU A 59 -3.94 -2.67 3.85
CA LEU A 59 -2.86 -3.64 3.77
C LEU A 59 -3.17 -4.86 4.64
N GLN A 60 -3.82 -4.60 5.78
CA GLN A 60 -4.20 -5.68 6.68
C GLN A 60 -5.27 -6.56 6.03
N ASP A 61 -6.05 -5.96 5.14
CA ASP A 61 -7.09 -6.68 4.43
C ASP A 61 -6.49 -7.76 3.54
N LEU A 62 -5.29 -7.48 3.02
CA LEU A 62 -4.59 -8.43 2.16
C LEU A 62 -4.14 -9.65 2.95
N LYS A 63 -3.55 -9.40 4.11
CA LYS A 63 -3.06 -10.48 4.97
C LYS A 63 -4.21 -11.37 5.42
N GLN A 64 -5.23 -10.76 5.99
CA GLN A 64 -6.39 -11.50 6.47
C GLN A 64 -7.14 -12.16 5.32
N GLY A 65 -7.29 -11.43 4.22
CA GLY A 65 -7.99 -11.96 3.07
C GLY A 65 -7.23 -11.74 1.77
N HIS A 66 -7.32 -12.71 0.87
CA HIS A 66 -6.64 -12.62 -0.42
C HIS A 66 -7.61 -12.84 -1.57
N ASP A 67 -7.15 -12.58 -2.79
CA ASP A 67 -7.98 -12.77 -3.97
C ASP A 67 -7.21 -12.43 -5.24
N TYR A 68 -7.23 -13.35 -6.20
CA TYR A 68 -6.54 -13.16 -7.47
C TYR A 68 -5.06 -12.88 -7.24
N TYR A 1 4.86 -12.10 -17.48
CA TYR A 1 4.93 -12.92 -16.23
C TYR A 1 4.66 -12.07 -14.99
N HIS A 2 5.45 -11.02 -14.83
CA HIS A 2 5.31 -10.12 -13.69
C HIS A 2 4.12 -9.19 -13.87
N ALA A 3 2.92 -9.77 -13.86
CA ALA A 3 1.70 -8.99 -14.03
C ALA A 3 0.90 -8.94 -12.72
N ASP A 4 0.69 -7.73 -12.21
CA ASP A 4 -0.06 -7.55 -10.97
C ASP A 4 -0.59 -6.13 -10.86
N PRO A 5 -1.50 -5.73 -11.78
CA PRO A 5 -2.08 -4.38 -11.78
C PRO A 5 -2.94 -4.12 -10.55
N SER A 6 -3.39 -5.19 -9.90
CA SER A 6 -4.21 -5.09 -8.70
C SER A 6 -3.56 -4.20 -7.66
N LEU A 7 -2.24 -4.06 -7.75
CA LEU A 7 -1.50 -3.22 -6.81
C LEU A 7 -1.85 -1.75 -6.96
N VAL A 8 -1.65 -1.22 -8.16
CA VAL A 8 -1.94 0.18 -8.43
C VAL A 8 -3.40 0.51 -8.17
N SER A 9 -4.30 -0.35 -8.64
CA SER A 9 -5.73 -0.14 -8.47
C SER A 9 -6.12 -0.06 -7.00
N PHE A 10 -5.36 -0.76 -6.15
CA PHE A 10 -5.65 -0.77 -4.72
C PHE A 10 -4.95 0.38 -4.00
N LEU A 11 -3.64 0.49 -4.23
CA LEU A 11 -2.84 1.55 -3.60
C LEU A 11 -3.54 2.89 -3.70
N THR A 12 -3.92 3.26 -4.91
CA THR A 12 -4.60 4.53 -5.14
C THR A 12 -6.06 4.46 -4.68
N GLY A 13 -6.75 3.40 -5.06
CA GLY A 13 -8.14 3.24 -4.68
C GLY A 13 -8.34 3.35 -3.18
N LEU A 14 -7.29 3.08 -2.42
CA LEU A 14 -7.35 3.16 -0.97
C LEU A 14 -7.67 4.58 -0.51
N GLY A 15 -7.48 5.55 -1.40
CA GLY A 15 -7.75 6.94 -1.05
C GLY A 15 -6.49 7.79 -1.09
N CYS A 16 -5.46 7.29 -1.78
CA CYS A 16 -4.20 8.02 -1.89
C CYS A 16 -3.70 8.01 -3.34
N PRO A 17 -4.34 8.81 -4.20
CA PRO A 17 -3.97 8.89 -5.61
C PRO A 17 -2.83 9.88 -5.87
N ASN A 18 -2.20 10.36 -4.79
CA ASN A 18 -1.08 11.29 -4.91
C ASN A 18 0.03 10.94 -3.92
N CYS A 19 -0.02 9.72 -3.39
CA CYS A 19 0.99 9.27 -2.44
C CYS A 19 1.81 8.11 -3.00
N ILE A 20 1.23 7.40 -3.98
CA ILE A 20 1.91 6.28 -4.60
C ILE A 20 3.32 6.66 -5.04
N GLU A 21 3.48 7.89 -5.51
CA GLU A 21 4.78 8.37 -5.93
C GLU A 21 5.78 8.28 -4.80
N TYR A 22 5.35 8.68 -3.60
CA TYR A 22 6.21 8.61 -2.42
C TYR A 22 6.42 7.18 -2.00
N PHE A 23 5.41 6.34 -2.22
CA PHE A 23 5.50 4.93 -1.87
C PHE A 23 6.39 4.19 -2.86
N THR A 24 6.10 4.34 -4.15
CA THR A 24 6.88 3.70 -5.20
C THR A 24 8.38 3.96 -5.01
N SER A 25 8.70 5.11 -4.41
CA SER A 25 10.09 5.48 -4.19
C SER A 25 10.86 4.36 -3.52
N GLN A 26 10.16 3.54 -2.75
CA GLN A 26 10.79 2.42 -2.05
C GLN A 26 10.59 1.10 -2.80
N GLY A 27 9.37 0.91 -3.30
CA GLY A 27 9.06 -0.32 -4.02
C GLY A 27 7.64 -0.78 -3.78
N LEU A 28 6.71 0.16 -3.83
CA LEU A 28 5.30 -0.13 -3.60
C LEU A 28 4.56 -0.27 -4.94
N GLN A 29 5.21 -0.90 -5.90
CA GLN A 29 4.60 -1.14 -7.21
C GLN A 29 4.06 -2.55 -7.29
N SER A 30 4.68 -3.45 -6.52
CA SER A 30 4.24 -4.84 -6.45
C SER A 30 3.67 -5.14 -5.08
N ILE A 31 2.34 -5.29 -5.00
CA ILE A 31 1.69 -5.55 -3.72
C ILE A 31 2.41 -6.64 -2.94
N TYR A 32 3.09 -7.53 -3.65
CA TYR A 32 3.86 -8.59 -3.02
C TYR A 32 4.89 -8.01 -2.05
N HIS A 33 5.24 -6.74 -2.26
CA HIS A 33 6.22 -6.07 -1.41
C HIS A 33 5.56 -5.49 -0.15
N LEU A 34 4.25 -5.26 -0.23
CA LEU A 34 3.52 -4.71 0.90
C LEU A 34 2.64 -5.76 1.57
N GLN A 35 2.95 -7.03 1.31
CA GLN A 35 2.20 -8.13 1.89
C GLN A 35 2.43 -8.24 3.39
N ASN A 36 3.51 -7.63 3.87
CA ASN A 36 3.83 -7.69 5.30
C ASN A 36 4.02 -6.29 5.90
N LEU A 37 4.04 -5.26 5.04
CA LEU A 37 4.23 -3.89 5.51
C LEU A 37 3.10 -3.49 6.45
N THR A 38 3.38 -2.54 7.34
CA THR A 38 2.39 -2.06 8.30
C THR A 38 2.46 -0.55 8.49
N ILE A 39 1.57 -0.03 9.32
CA ILE A 39 1.59 1.39 9.65
C ILE A 39 2.91 1.75 10.30
N GLU A 40 3.44 0.79 11.06
CA GLU A 40 4.72 0.98 11.73
C GLU A 40 5.82 1.29 10.72
N ASP A 41 5.76 0.61 9.58
CA ASP A 41 6.74 0.84 8.51
C ASP A 41 6.29 1.98 7.62
N LEU A 42 4.98 2.11 7.42
CA LEU A 42 4.41 3.16 6.59
C LEU A 42 5.00 4.51 6.95
N GLY A 43 4.82 4.91 8.20
CA GLY A 43 5.36 6.18 8.66
C GLY A 43 6.87 6.27 8.46
N ALA A 44 7.51 5.12 8.30
CA ALA A 44 8.96 5.09 8.09
C ALA A 44 9.34 5.71 6.75
N LEU A 45 8.44 5.58 5.78
CA LEU A 45 8.66 6.13 4.45
C LEU A 45 8.79 7.65 4.49
N LYS A 46 8.33 8.27 5.58
CA LYS A 46 8.41 9.72 5.74
C LYS A 46 7.36 10.43 4.87
N ILE A 47 6.38 9.66 4.42
CA ILE A 47 5.31 10.21 3.59
C ILE A 47 4.26 10.90 4.45
N PRO A 48 3.77 12.08 4.01
CA PRO A 48 2.77 12.85 4.75
C PRO A 48 1.72 11.96 5.42
N GLU A 49 1.73 11.95 6.75
CA GLU A 49 0.80 11.13 7.52
C GLU A 49 -0.62 11.65 7.38
N GLN A 50 -1.15 11.61 6.15
CA GLN A 50 -2.50 12.06 5.89
C GLN A 50 -3.51 10.93 6.16
N TYR A 51 -3.23 9.78 5.58
CA TYR A 51 -4.09 8.61 5.76
C TYR A 51 -3.26 7.35 5.93
N ARG A 52 -2.06 7.50 6.46
CA ARG A 52 -1.15 6.38 6.67
C ARG A 52 -1.87 5.20 7.31
N MET A 53 -2.87 5.49 8.12
CA MET A 53 -3.65 4.45 8.78
C MET A 53 -4.50 3.68 7.77
N THR A 54 -5.23 4.42 6.94
CA THR A 54 -6.08 3.81 5.92
C THR A 54 -5.25 2.88 5.04
N ILE A 55 -4.03 3.31 4.72
CA ILE A 55 -3.14 2.51 3.89
C ILE A 55 -2.81 1.19 4.56
N TRP A 56 -2.29 1.26 5.79
CA TRP A 56 -1.96 0.06 6.55
C TRP A 56 -3.17 -0.88 6.59
N ARG A 57 -4.34 -0.32 6.87
CA ARG A 57 -5.57 -1.10 6.93
C ARG A 57 -5.73 -1.95 5.67
N GLY A 58 -5.66 -1.28 4.52
CA GLY A 58 -5.78 -1.98 3.26
C GLY A 58 -4.82 -3.14 3.16
N LEU A 59 -3.59 -2.93 3.62
CA LEU A 59 -2.58 -3.99 3.61
C LEU A 59 -2.98 -5.12 4.53
N GLN A 60 -3.75 -4.79 5.56
CA GLN A 60 -4.22 -5.78 6.52
C GLN A 60 -5.35 -6.61 5.92
N ASP A 61 -6.08 -6.01 4.99
CA ASP A 61 -7.19 -6.69 4.32
C ASP A 61 -6.65 -7.81 3.43
N LEU A 62 -5.43 -7.64 2.93
CA LEU A 62 -4.81 -8.64 2.08
C LEU A 62 -4.48 -9.90 2.88
N LYS A 63 -3.83 -9.70 4.03
CA LYS A 63 -3.46 -10.80 4.90
C LYS A 63 -4.70 -11.60 5.33
N GLN A 64 -5.55 -10.96 6.13
CA GLN A 64 -6.76 -11.60 6.62
C GLN A 64 -6.47 -12.97 7.19
N GLY A 65 -5.27 -13.11 7.74
CA GLY A 65 -4.85 -14.36 8.33
C GLY A 65 -4.00 -15.18 7.39
N HIS A 66 -2.82 -14.66 7.06
CA HIS A 66 -1.90 -15.36 6.16
C HIS A 66 -0.77 -16.01 6.95
N ASP A 67 -0.26 -17.13 6.43
CA ASP A 67 0.83 -17.85 7.09
C ASP A 67 1.15 -19.14 6.33
N TYR A 68 2.42 -19.37 6.08
CA TYR A 68 2.87 -20.57 5.37
C TYR A 68 2.38 -20.54 3.93
N TYR A 1 0.47 -5.64 -21.92
CA TYR A 1 -0.26 -6.13 -20.72
C TYR A 1 0.60 -6.02 -19.47
N HIS A 2 0.57 -4.85 -18.84
CA HIS A 2 1.35 -4.61 -17.63
C HIS A 2 1.08 -5.68 -16.59
N ALA A 3 2.04 -5.92 -15.71
CA ALA A 3 1.91 -6.92 -14.66
C ALA A 3 1.58 -6.26 -13.32
N ASP A 4 1.08 -7.05 -12.38
CA ASP A 4 0.73 -6.55 -11.06
C ASP A 4 -0.40 -5.52 -11.14
N PRO A 5 -1.50 -5.88 -11.83
CA PRO A 5 -2.65 -4.98 -11.98
C PRO A 5 -3.38 -4.75 -10.66
N SER A 6 -3.34 -5.75 -9.79
CA SER A 6 -4.00 -5.66 -8.49
C SER A 6 -3.09 -4.99 -7.47
N LEU A 7 -2.61 -3.79 -7.81
CA LEU A 7 -1.73 -3.04 -6.92
C LEU A 7 -1.94 -1.53 -7.09
N VAL A 8 -1.67 -1.04 -8.28
CA VAL A 8 -1.84 0.39 -8.57
C VAL A 8 -3.24 0.87 -8.20
N SER A 9 -4.24 0.26 -8.82
CA SER A 9 -5.62 0.63 -8.57
C SER A 9 -6.07 0.21 -7.17
N PHE A 10 -5.23 -0.52 -6.44
CA PHE A 10 -5.56 -0.96 -5.10
C PHE A 10 -5.04 0.02 -4.06
N LEU A 11 -3.72 0.23 -4.05
CA LEU A 11 -3.11 1.14 -3.09
C LEU A 11 -3.62 2.56 -3.32
N THR A 12 -4.04 2.86 -4.55
CA THR A 12 -4.59 4.16 -4.87
C THR A 12 -6.06 4.24 -4.44
N GLY A 13 -6.84 3.25 -4.85
CA GLY A 13 -8.24 3.20 -4.48
C GLY A 13 -8.42 3.17 -2.98
N LEU A 14 -7.39 2.67 -2.30
CA LEU A 14 -7.38 2.61 -0.85
C LEU A 14 -7.74 3.96 -0.25
N GLY A 15 -7.51 5.02 -1.03
CA GLY A 15 -7.78 6.36 -0.55
C GLY A 15 -6.57 7.26 -0.65
N CYS A 16 -5.51 6.78 -1.33
CA CYS A 16 -4.30 7.58 -1.48
C CYS A 16 -3.80 7.56 -2.93
N PRO A 17 -4.50 8.29 -3.82
CA PRO A 17 -4.14 8.36 -5.24
C PRO A 17 -2.96 9.30 -5.51
N ASN A 18 -2.36 9.83 -4.44
CA ASN A 18 -1.23 10.73 -4.59
C ASN A 18 -0.09 10.35 -3.64
N CYS A 19 -0.11 9.11 -3.16
CA CYS A 19 0.93 8.64 -2.25
C CYS A 19 1.76 7.54 -2.90
N ILE A 20 1.18 6.85 -3.88
CA ILE A 20 1.86 5.77 -4.57
C ILE A 20 3.24 6.21 -5.04
N GLU A 21 3.34 7.47 -5.46
CA GLU A 21 4.61 8.01 -5.93
C GLU A 21 5.61 8.08 -4.79
N TYR A 22 5.13 8.47 -3.61
CA TYR A 22 5.98 8.57 -2.43
C TYR A 22 6.30 7.18 -1.89
N PHE A 23 5.37 6.26 -2.09
CA PHE A 23 5.56 4.88 -1.65
C PHE A 23 6.42 4.12 -2.65
N THR A 24 6.15 4.33 -3.94
CA THR A 24 6.90 3.66 -5.00
C THR A 24 8.39 3.88 -4.81
N SER A 25 8.75 5.01 -4.22
CA SER A 25 10.15 5.34 -3.99
C SER A 25 10.91 4.18 -3.35
N GLN A 26 10.17 3.35 -2.61
CA GLN A 26 10.78 2.20 -1.94
C GLN A 26 10.53 0.92 -2.73
N GLY A 27 9.27 0.60 -2.96
CA GLY A 27 8.92 -0.61 -3.70
C GLY A 27 7.46 -0.94 -3.60
N LEU A 28 6.60 0.05 -3.80
CA LEU A 28 5.16 -0.14 -3.71
C LEU A 28 4.55 -0.29 -5.09
N GLN A 29 5.25 -1.00 -5.97
CA GLN A 29 4.77 -1.25 -7.32
C GLN A 29 4.14 -2.65 -7.41
N SER A 30 4.64 -3.55 -6.58
CA SER A 30 4.12 -4.91 -6.52
C SER A 30 3.52 -5.18 -5.15
N ILE A 31 2.21 -5.42 -5.12
CA ILE A 31 1.52 -5.67 -3.86
C ILE A 31 2.27 -6.70 -3.01
N TYR A 32 3.02 -7.57 -3.67
CA TYR A 32 3.81 -8.58 -2.99
C TYR A 32 4.82 -7.91 -2.05
N HIS A 33 5.11 -6.63 -2.29
CA HIS A 33 6.05 -5.89 -1.46
C HIS A 33 5.34 -5.32 -0.24
N LEU A 34 4.06 -5.01 -0.39
CA LEU A 34 3.27 -4.47 0.70
C LEU A 34 2.44 -5.57 1.36
N GLN A 35 2.90 -6.80 1.20
CA GLN A 35 2.22 -7.96 1.75
C GLN A 35 2.28 -7.99 3.27
N ASN A 36 3.42 -7.56 3.78
CA ASN A 36 3.66 -7.58 5.22
C ASN A 36 3.76 -6.17 5.78
N LEU A 37 3.98 -5.21 4.91
CA LEU A 37 4.10 -3.81 5.31
C LEU A 37 3.02 -3.42 6.31
N THR A 38 3.35 -2.49 7.21
CA THR A 38 2.41 -2.03 8.22
C THR A 38 2.51 -0.52 8.42
N ILE A 39 1.60 0.02 9.23
CA ILE A 39 1.64 1.43 9.57
C ILE A 39 2.98 1.75 10.19
N GLU A 40 3.52 0.78 10.92
CA GLU A 40 4.82 0.93 11.57
C GLU A 40 5.88 1.27 10.54
N ASP A 41 5.85 0.57 9.41
CA ASP A 41 6.82 0.80 8.34
C ASP A 41 6.34 1.94 7.44
N LEU A 42 5.02 2.07 7.29
CA LEU A 42 4.45 3.12 6.46
C LEU A 42 4.98 4.48 6.89
N GLY A 43 5.00 4.72 8.21
CA GLY A 43 5.50 5.97 8.73
C GLY A 43 7.00 6.14 8.52
N ALA A 44 7.66 5.06 8.11
CA ALA A 44 9.10 5.10 7.85
C ALA A 44 9.38 5.75 6.50
N LEU A 45 8.42 5.63 5.59
CA LEU A 45 8.53 6.20 4.27
C LEU A 45 8.64 7.73 4.31
N LYS A 46 8.39 8.33 5.47
CA LYS A 46 8.44 9.78 5.63
C LYS A 46 7.20 10.43 5.04
N ILE A 47 6.15 9.64 4.90
CA ILE A 47 4.89 10.14 4.36
C ILE A 47 4.06 10.81 5.45
N PRO A 48 3.54 12.02 5.18
CA PRO A 48 2.74 12.78 6.15
C PRO A 48 1.63 11.92 6.77
N GLU A 49 0.90 12.51 7.71
CA GLU A 49 -0.19 11.81 8.39
C GLU A 49 -1.52 12.05 7.66
N GLN A 50 -1.48 12.04 6.34
CA GLN A 50 -2.69 12.25 5.54
C GLN A 50 -3.48 10.96 5.41
N TYR A 51 -2.81 9.89 4.98
CA TYR A 51 -3.46 8.60 4.80
C TYR A 51 -2.56 7.47 5.27
N ARG A 52 -1.64 7.77 6.19
CA ARG A 52 -0.74 6.76 6.72
C ARG A 52 -1.52 5.54 7.21
N MET A 53 -2.43 5.76 8.14
CA MET A 53 -3.24 4.69 8.69
C MET A 53 -4.06 4.01 7.60
N THR A 54 -4.73 4.81 6.78
CA THR A 54 -5.54 4.27 5.68
C THR A 54 -4.73 3.28 4.85
N ILE A 55 -3.51 3.67 4.49
CA ILE A 55 -2.64 2.80 3.71
C ILE A 55 -2.44 1.46 4.41
N TRP A 56 -1.95 1.50 5.64
CA TRP A 56 -1.74 0.29 6.42
C TRP A 56 -3.01 -0.57 6.43
N ARG A 57 -4.13 0.05 6.80
CA ARG A 57 -5.41 -0.64 6.86
C ARG A 57 -5.65 -1.46 5.59
N GLY A 58 -5.65 -0.78 4.45
CA GLY A 58 -5.85 -1.45 3.18
C GLY A 58 -4.88 -2.60 3.00
N LEU A 59 -3.68 -2.44 3.56
CA LEU A 59 -2.67 -3.47 3.50
C LEU A 59 -3.08 -4.64 4.39
N GLN A 60 -3.79 -4.33 5.47
CA GLN A 60 -4.28 -5.36 6.38
C GLN A 60 -5.35 -6.19 5.69
N ASP A 61 -6.06 -5.57 4.76
CA ASP A 61 -7.10 -6.25 3.99
C ASP A 61 -6.51 -7.42 3.21
N LEU A 62 -5.24 -7.27 2.82
CA LEU A 62 -4.55 -8.32 2.08
C LEU A 62 -4.15 -9.45 3.02
N LYS A 63 -3.58 -9.10 4.16
CA LYS A 63 -3.16 -10.08 5.15
C LYS A 63 -4.28 -11.06 5.46
N GLN A 64 -5.48 -10.53 5.67
CA GLN A 64 -6.65 -11.36 5.97
C GLN A 64 -6.88 -12.40 4.88
N GLY A 65 -7.47 -11.95 3.77
CA GLY A 65 -7.74 -12.84 2.67
C GLY A 65 -7.74 -12.14 1.33
N HIS A 66 -8.20 -12.83 0.29
CA HIS A 66 -8.25 -12.26 -1.05
C HIS A 66 -9.69 -12.07 -1.51
N ASP A 67 -10.01 -10.86 -1.98
CA ASP A 67 -11.34 -10.55 -2.45
C ASP A 67 -11.26 -9.69 -3.71
N TYR A 68 -12.35 -9.03 -4.03
CA TYR A 68 -12.42 -8.17 -5.19
C TYR A 68 -12.35 -6.70 -4.80
N TYR A 1 -1.20 -0.65 -13.42
CA TYR A 1 -0.23 -0.06 -14.39
C TYR A 1 1.11 -0.77 -14.33
N HIS A 2 1.81 -0.79 -15.46
CA HIS A 2 3.13 -1.44 -15.53
C HIS A 2 3.06 -2.87 -15.00
N ALA A 3 2.06 -3.61 -15.46
CA ALA A 3 1.88 -5.00 -15.03
C ALA A 3 1.41 -5.07 -13.58
N ASP A 4 0.76 -6.17 -13.24
CA ASP A 4 0.27 -6.38 -11.88
C ASP A 4 -0.81 -5.36 -11.53
N PRO A 5 -2.04 -5.55 -12.05
CA PRO A 5 -3.16 -4.64 -11.79
C PRO A 5 -3.67 -4.74 -10.35
N SER A 6 -3.45 -5.91 -9.75
CA SER A 6 -3.89 -6.14 -8.37
C SER A 6 -2.93 -5.49 -7.38
N LEU A 7 -2.78 -4.17 -7.48
CA LEU A 7 -1.89 -3.43 -6.59
C LEU A 7 -2.14 -1.93 -6.71
N VAL A 8 -1.97 -1.41 -7.91
CA VAL A 8 -2.17 0.02 -8.16
C VAL A 8 -3.64 0.40 -8.01
N SER A 9 -4.51 -0.45 -8.54
CA SER A 9 -5.95 -0.20 -8.47
C SER A 9 -6.40 -0.02 -7.02
N PHE A 10 -5.63 -0.60 -6.09
CA PHE A 10 -5.96 -0.50 -4.68
C PHE A 10 -5.16 0.60 -4.00
N LEU A 11 -3.86 0.64 -4.30
CA LEU A 11 -2.98 1.65 -3.72
C LEU A 11 -3.60 3.03 -3.76
N THR A 12 -4.00 3.43 -4.96
CA THR A 12 -4.62 4.74 -5.16
C THR A 12 -6.08 4.70 -4.70
N GLY A 13 -6.82 3.71 -5.15
CA GLY A 13 -8.21 3.58 -4.76
C GLY A 13 -8.40 3.65 -3.27
N LEU A 14 -7.34 3.31 -2.53
CA LEU A 14 -7.37 3.36 -1.08
C LEU A 14 -7.70 4.76 -0.58
N GLY A 15 -7.52 5.75 -1.44
CA GLY A 15 -7.78 7.12 -1.07
C GLY A 15 -6.50 7.95 -1.02
N CYS A 16 -5.45 7.46 -1.68
CA CYS A 16 -4.17 8.15 -1.70
C CYS A 16 -3.60 8.21 -3.12
N PRO A 17 -4.13 9.11 -3.96
CA PRO A 17 -3.67 9.27 -5.34
C PRO A 17 -2.49 10.23 -5.48
N ASN A 18 -1.79 10.46 -4.36
CA ASN A 18 -0.63 11.36 -4.38
C ASN A 18 0.47 10.86 -3.45
N CYS A 19 0.44 9.58 -3.13
CA CYS A 19 1.45 8.99 -2.25
C CYS A 19 2.21 7.86 -2.95
N ILE A 20 1.55 7.17 -3.86
CA ILE A 20 2.16 6.07 -4.60
C ILE A 20 3.54 6.45 -5.12
N GLU A 21 3.72 7.73 -5.43
CA GLU A 21 5.00 8.22 -5.93
C GLU A 21 6.07 8.09 -4.85
N TYR A 22 5.71 8.47 -3.64
CA TYR A 22 6.61 8.37 -2.50
C TYR A 22 6.73 6.92 -2.06
N PHE A 23 5.67 6.16 -2.28
CA PHE A 23 5.65 4.74 -1.95
C PHE A 23 6.40 3.95 -3.01
N THR A 24 6.38 4.46 -4.24
CA THR A 24 7.06 3.80 -5.35
C THR A 24 8.58 3.90 -5.19
N SER A 25 9.03 5.00 -4.60
CA SER A 25 10.45 5.22 -4.39
C SER A 25 11.09 4.02 -3.70
N GLN A 26 10.28 3.25 -2.97
CA GLN A 26 10.77 2.08 -2.27
C GLN A 26 10.47 0.80 -3.06
N GLY A 27 9.22 0.67 -3.49
CA GLY A 27 8.81 -0.50 -4.24
C GLY A 27 7.37 -0.89 -3.97
N LEU A 28 6.46 0.08 -4.08
CA LEU A 28 5.05 -0.16 -3.85
C LEU A 28 4.30 -0.35 -5.16
N GLN A 29 4.93 -1.04 -6.11
CA GLN A 29 4.32 -1.32 -7.40
C GLN A 29 3.74 -2.73 -7.42
N SER A 30 4.34 -3.61 -6.63
CA SER A 30 3.89 -4.98 -6.51
C SER A 30 3.39 -5.25 -5.10
N ILE A 31 2.09 -5.48 -4.96
CA ILE A 31 1.49 -5.71 -3.64
C ILE A 31 2.34 -6.70 -2.83
N TYR A 32 3.03 -7.59 -3.52
CA TYR A 32 3.89 -8.57 -2.87
C TYR A 32 4.94 -7.88 -2.01
N HIS A 33 5.20 -6.60 -2.31
CA HIS A 33 6.18 -5.83 -1.55
C HIS A 33 5.54 -5.25 -0.29
N LEU A 34 4.25 -4.95 -0.37
CA LEU A 34 3.51 -4.40 0.75
C LEU A 34 2.67 -5.49 1.43
N GLN A 35 3.11 -6.72 1.28
CA GLN A 35 2.40 -7.87 1.84
C GLN A 35 2.47 -7.86 3.35
N ASN A 36 3.64 -7.56 3.86
CA ASN A 36 3.90 -7.58 5.29
C ASN A 36 3.94 -6.18 5.87
N LEU A 37 4.19 -5.20 5.00
CA LEU A 37 4.25 -3.80 5.42
C LEU A 37 3.07 -3.44 6.33
N THR A 38 3.33 -2.58 7.30
CA THR A 38 2.31 -2.16 8.25
C THR A 38 2.33 -0.65 8.45
N ILE A 39 1.42 -0.17 9.28
CA ILE A 39 1.38 1.24 9.61
C ILE A 39 2.70 1.64 10.24
N GLU A 40 3.29 0.70 10.97
CA GLU A 40 4.56 0.91 11.63
C GLU A 40 5.63 1.34 10.62
N ASP A 41 5.70 0.61 9.51
CA ASP A 41 6.67 0.90 8.46
C ASP A 41 6.16 2.04 7.58
N LEU A 42 4.84 2.19 7.52
CA LEU A 42 4.23 3.24 6.72
C LEU A 42 4.79 4.61 7.12
N GLY A 43 4.80 4.87 8.41
CA GLY A 43 5.31 6.13 8.91
C GLY A 43 6.82 6.26 8.74
N ALA A 44 7.47 5.16 8.35
CA ALA A 44 8.91 5.17 8.14
C ALA A 44 9.25 5.85 6.82
N LEU A 45 8.48 5.52 5.79
CA LEU A 45 8.67 6.09 4.46
C LEU A 45 8.83 7.61 4.54
N LYS A 46 8.24 8.20 5.57
CA LYS A 46 8.26 9.64 5.79
C LYS A 46 7.12 10.32 5.05
N ILE A 47 6.12 9.54 4.69
CA ILE A 47 4.95 10.06 3.99
C ILE A 47 4.00 10.76 4.96
N PRO A 48 3.44 11.92 4.56
CA PRO A 48 2.52 12.67 5.40
C PRO A 48 1.54 11.78 6.15
N GLU A 49 1.13 12.23 7.33
CA GLU A 49 0.20 11.46 8.16
C GLU A 49 -1.25 11.81 7.82
N GLN A 50 -1.56 11.83 6.53
CA GLN A 50 -2.91 12.14 6.08
C GLN A 50 -3.79 10.90 6.07
N TYR A 51 -3.32 9.85 5.41
CA TYR A 51 -4.06 8.60 5.32
C TYR A 51 -3.14 7.40 5.52
N ARG A 52 -2.10 7.58 6.33
CA ARG A 52 -1.15 6.51 6.59
C ARG A 52 -1.87 5.26 7.12
N MET A 53 -2.76 5.46 8.09
CA MET A 53 -3.51 4.37 8.68
C MET A 53 -4.38 3.69 7.62
N THR A 54 -5.05 4.50 6.80
CA THR A 54 -5.90 3.97 5.74
C THR A 54 -5.13 2.98 4.88
N ILE A 55 -3.91 3.36 4.50
CA ILE A 55 -3.08 2.49 3.69
C ILE A 55 -2.78 1.18 4.41
N TRP A 56 -2.48 1.27 5.70
CA TRP A 56 -2.19 0.09 6.51
C TRP A 56 -3.40 -0.84 6.50
N ARG A 57 -4.57 -0.29 6.79
CA ARG A 57 -5.81 -1.06 6.82
C ARG A 57 -5.92 -1.93 5.56
N GLY A 58 -5.86 -1.28 4.40
CA GLY A 58 -5.92 -2.00 3.14
C GLY A 58 -4.88 -3.10 3.08
N LEU A 59 -3.67 -2.79 3.55
CA LEU A 59 -2.60 -3.78 3.59
C LEU A 59 -2.94 -4.91 4.54
N GLN A 60 -3.71 -4.59 5.58
CA GLN A 60 -4.15 -5.59 6.54
C GLN A 60 -5.19 -6.51 5.90
N ASP A 61 -5.78 -6.07 4.79
CA ASP A 61 -6.78 -6.86 4.09
C ASP A 61 -6.12 -7.88 3.15
N LEU A 62 -4.91 -7.55 2.69
CA LEU A 62 -4.16 -8.43 1.81
C LEU A 62 -3.66 -9.63 2.60
N LYS A 63 -3.22 -9.34 3.81
CA LYS A 63 -2.71 -10.36 4.72
C LYS A 63 -3.81 -10.84 5.66
N GLN A 64 -5.03 -10.93 5.15
CA GLN A 64 -6.16 -11.37 5.95
C GLN A 64 -6.05 -12.87 6.27
N GLY A 65 -5.42 -13.61 5.37
CA GLY A 65 -5.26 -15.04 5.57
C GLY A 65 -6.05 -15.86 4.58
N HIS A 66 -6.93 -16.72 5.08
CA HIS A 66 -7.76 -17.56 4.22
C HIS A 66 -9.23 -17.30 4.47
N ASP A 67 -9.85 -16.54 3.58
CA ASP A 67 -11.26 -16.20 3.69
C ASP A 67 -11.90 -15.95 2.34
N TYR A 68 -11.30 -16.51 1.33
CA TYR A 68 -11.76 -16.35 -0.04
C TYR A 68 -10.91 -17.15 -1.01
N TYR A 1 -3.51 -16.98 -14.27
CA TYR A 1 -2.76 -15.81 -13.74
C TYR A 1 -3.72 -14.65 -13.42
N HIS A 2 -3.28 -13.78 -12.53
CA HIS A 2 -4.08 -12.62 -12.13
C HIS A 2 -3.60 -11.36 -12.83
N ALA A 3 -4.34 -10.27 -12.65
CA ALA A 3 -3.99 -9.00 -13.26
C ALA A 3 -2.66 -8.47 -12.72
N ASP A 4 -2.00 -7.63 -13.51
CA ASP A 4 -0.72 -7.06 -13.12
C ASP A 4 -0.92 -5.86 -12.19
N PRO A 5 -1.78 -4.91 -12.59
CA PRO A 5 -2.06 -3.71 -11.80
C PRO A 5 -2.96 -4.00 -10.61
N SER A 6 -2.54 -4.93 -9.76
CA SER A 6 -3.31 -5.30 -8.59
C SER A 6 -3.00 -4.38 -7.41
N LEU A 7 -1.75 -3.92 -7.35
CA LEU A 7 -1.33 -3.03 -6.26
C LEU A 7 -1.90 -1.63 -6.46
N VAL A 8 -1.48 -0.95 -7.51
CA VAL A 8 -1.93 0.41 -7.80
C VAL A 8 -3.43 0.56 -7.59
N SER A 9 -4.19 -0.48 -7.95
CA SER A 9 -5.64 -0.46 -7.81
C SER A 9 -6.04 -0.28 -6.35
N PHE A 10 -5.22 -0.79 -5.45
CA PHE A 10 -5.50 -0.71 -4.02
C PHE A 10 -4.79 0.49 -3.39
N LEU A 11 -3.51 0.64 -3.69
CA LEU A 11 -2.71 1.74 -3.14
C LEU A 11 -3.44 3.06 -3.30
N THR A 12 -3.82 3.37 -4.53
CA THR A 12 -4.56 4.60 -4.82
C THR A 12 -6.02 4.43 -4.45
N GLY A 13 -6.60 3.29 -4.82
CA GLY A 13 -7.99 3.02 -4.53
C GLY A 13 -8.31 3.25 -3.07
N LEU A 14 -7.32 3.09 -2.21
CA LEU A 14 -7.50 3.30 -0.78
C LEU A 14 -8.04 4.71 -0.52
N GLY A 15 -7.83 5.61 -1.48
CA GLY A 15 -8.28 6.98 -1.33
C GLY A 15 -7.13 7.96 -1.24
N CYS A 16 -5.97 7.53 -1.75
CA CYS A 16 -4.78 8.37 -1.73
C CYS A 16 -4.06 8.33 -3.08
N PRO A 17 -4.52 9.14 -4.05
CA PRO A 17 -3.93 9.19 -5.39
C PRO A 17 -2.75 10.15 -5.49
N ASN A 18 -2.13 10.47 -4.36
CA ASN A 18 -0.99 11.38 -4.33
C ASN A 18 0.10 10.88 -3.39
N CYS A 19 0.04 9.60 -3.04
CA CYS A 19 1.03 9.01 -2.13
C CYS A 19 1.84 7.93 -2.85
N ILE A 20 1.25 7.31 -3.86
CA ILE A 20 1.91 6.26 -4.61
C ILE A 20 3.31 6.70 -5.05
N GLU A 21 3.43 7.94 -5.49
CA GLU A 21 4.70 8.48 -5.94
C GLU A 21 5.75 8.36 -4.84
N TYR A 22 5.35 8.66 -3.60
CA TYR A 22 6.25 8.56 -2.46
C TYR A 22 6.50 7.12 -2.08
N PHE A 23 5.50 6.27 -2.33
CA PHE A 23 5.61 4.85 -2.02
C PHE A 23 6.46 4.13 -3.06
N THR A 24 6.12 4.33 -4.33
CA THR A 24 6.85 3.70 -5.42
C THR A 24 8.35 3.94 -5.29
N SER A 25 8.72 5.04 -4.64
CA SER A 25 10.12 5.39 -4.46
C SER A 25 10.89 4.24 -3.82
N GLN A 26 10.19 3.37 -3.11
CA GLN A 26 10.82 2.24 -2.44
C GLN A 26 10.56 0.94 -3.19
N GLY A 27 9.36 0.80 -3.72
CA GLY A 27 8.99 -0.40 -4.45
C GLY A 27 7.57 -0.84 -4.13
N LEU A 28 6.65 0.10 -4.16
CA LEU A 28 5.26 -0.19 -3.87
C LEU A 28 4.46 -0.34 -5.16
N GLN A 29 5.04 -1.07 -6.10
CA GLN A 29 4.39 -1.37 -7.37
C GLN A 29 3.95 -2.83 -7.41
N SER A 30 4.47 -3.64 -6.47
CA SER A 30 4.12 -5.04 -6.37
C SER A 30 3.67 -5.36 -4.96
N ILE A 31 2.36 -5.49 -4.77
CA ILE A 31 1.79 -5.75 -3.45
C ILE A 31 2.61 -6.77 -2.67
N TYR A 32 3.25 -7.69 -3.39
CA TYR A 32 4.07 -8.71 -2.76
C TYR A 32 5.15 -8.07 -1.89
N HIS A 33 5.48 -6.81 -2.19
CA HIS A 33 6.49 -6.08 -1.43
C HIS A 33 5.89 -5.42 -0.19
N LEU A 34 4.56 -5.40 -0.11
CA LEU A 34 3.87 -4.78 1.02
C LEU A 34 2.95 -5.78 1.72
N GLN A 35 3.13 -7.06 1.42
CA GLN A 35 2.33 -8.11 2.01
C GLN A 35 2.44 -8.11 3.54
N ASN A 36 3.55 -7.58 4.04
CA ASN A 36 3.79 -7.53 5.47
C ASN A 36 3.85 -6.10 5.99
N LEU A 37 4.04 -5.14 5.08
CA LEU A 37 4.12 -3.73 5.45
C LEU A 37 2.96 -3.35 6.38
N THR A 38 3.24 -2.48 7.34
CA THR A 38 2.22 -2.04 8.29
C THR A 38 2.31 -0.55 8.54
N ILE A 39 1.38 -0.04 9.33
CA ILE A 39 1.40 1.37 9.70
C ILE A 39 2.73 1.71 10.34
N GLU A 40 3.28 0.74 11.05
CA GLU A 40 4.57 0.88 11.70
C GLU A 40 5.65 1.25 10.69
N ASP A 41 5.62 0.58 9.54
CA ASP A 41 6.59 0.84 8.48
C ASP A 41 6.15 2.01 7.61
N LEU A 42 4.83 2.19 7.52
CA LEU A 42 4.26 3.28 6.73
C LEU A 42 4.89 4.61 7.12
N GLY A 43 4.98 4.84 8.42
CA GLY A 43 5.58 6.07 8.92
C GLY A 43 7.09 6.10 8.74
N ALA A 44 7.67 4.99 8.27
CA ALA A 44 9.10 4.92 8.04
C ALA A 44 9.45 5.56 6.71
N LEU A 45 8.66 5.25 5.69
CA LEU A 45 8.85 5.81 4.35
C LEU A 45 9.01 7.33 4.42
N LYS A 46 8.39 7.91 5.43
CA LYS A 46 8.40 9.36 5.64
C LYS A 46 7.32 10.05 4.81
N ILE A 47 6.31 9.28 4.42
CA ILE A 47 5.19 9.81 3.65
C ILE A 47 4.16 10.45 4.58
N PRO A 48 3.61 11.61 4.18
CA PRO A 48 2.61 12.33 4.98
C PRO A 48 1.63 11.38 5.67
N GLU A 49 1.08 11.82 6.80
CA GLU A 49 0.14 11.01 7.56
C GLU A 49 -1.30 11.27 7.13
N GLN A 50 -1.48 11.81 5.93
CA GLN A 50 -2.81 12.10 5.42
C GLN A 50 -3.66 10.84 5.37
N TYR A 51 -3.08 9.75 4.90
CA TYR A 51 -3.79 8.48 4.80
C TYR A 51 -2.89 7.30 5.17
N ARG A 52 -1.95 7.54 6.08
CA ARG A 52 -1.03 6.49 6.52
C ARG A 52 -1.81 5.27 7.02
N MET A 53 -2.60 5.48 8.06
CA MET A 53 -3.40 4.38 8.64
C MET A 53 -4.30 3.76 7.59
N THR A 54 -4.92 4.61 6.77
CA THR A 54 -5.81 4.14 5.72
C THR A 54 -5.14 3.07 4.86
N ILE A 55 -3.93 3.36 4.40
CA ILE A 55 -3.18 2.41 3.58
C ILE A 55 -2.87 1.15 4.36
N TRP A 56 -2.57 1.31 5.64
CA TRP A 56 -2.27 0.17 6.50
C TRP A 56 -3.46 -0.77 6.58
N ARG A 57 -4.61 -0.23 6.96
CA ARG A 57 -5.84 -1.01 7.08
C ARG A 57 -6.13 -1.74 5.78
N GLY A 58 -5.84 -1.09 4.65
CA GLY A 58 -6.07 -1.71 3.36
C GLY A 58 -5.05 -2.77 3.04
N LEU A 59 -3.83 -2.58 3.55
CA LEU A 59 -2.75 -3.53 3.33
C LEU A 59 -2.96 -4.78 4.17
N GLN A 60 -3.48 -4.60 5.38
CA GLN A 60 -3.75 -5.74 6.26
C GLN A 60 -4.89 -6.58 5.70
N ASP A 61 -5.77 -5.94 4.94
CA ASP A 61 -6.90 -6.62 4.32
C ASP A 61 -6.38 -7.71 3.37
N LEU A 62 -5.20 -7.47 2.80
CA LEU A 62 -4.59 -8.43 1.89
C LEU A 62 -4.22 -9.70 2.64
N LYS A 63 -3.80 -9.54 3.89
CA LYS A 63 -3.40 -10.68 4.72
C LYS A 63 -4.57 -11.18 5.55
N GLN A 64 -5.78 -11.08 5.01
CA GLN A 64 -6.98 -11.52 5.71
C GLN A 64 -6.83 -12.97 6.18
N GLY A 65 -7.08 -13.90 5.26
CA GLY A 65 -6.95 -15.31 5.60
C GLY A 65 -5.94 -16.03 4.74
N HIS A 66 -4.68 -16.02 5.17
CA HIS A 66 -3.60 -16.67 4.43
C HIS A 66 -2.78 -17.55 5.35
N ASP A 67 -2.49 -18.77 4.88
CA ASP A 67 -1.70 -19.71 5.64
C ASP A 67 -1.53 -21.01 4.88
N TYR A 68 -0.35 -21.60 4.98
CA TYR A 68 -0.05 -22.85 4.32
C TYR A 68 -0.31 -22.74 2.81
N TYR A 1 -1.07 -8.10 -18.26
CA TYR A 1 -1.15 -9.53 -17.91
C TYR A 1 -0.32 -9.84 -16.66
N HIS A 2 -0.68 -10.93 -15.98
CA HIS A 2 0.04 -11.33 -14.78
C HIS A 2 -0.11 -10.28 -13.68
N ALA A 3 0.28 -10.66 -12.46
CA ALA A 3 0.20 -9.75 -11.33
C ALA A 3 0.84 -8.41 -11.65
N ASP A 4 0.05 -7.34 -11.55
CA ASP A 4 0.55 -5.99 -11.83
C ASP A 4 -0.51 -4.94 -11.49
N PRO A 5 -1.65 -4.96 -12.20
CA PRO A 5 -2.74 -4.00 -11.95
C PRO A 5 -3.43 -4.25 -10.61
N SER A 6 -3.27 -5.45 -10.07
CA SER A 6 -3.87 -5.79 -8.79
C SER A 6 -3.02 -5.26 -7.63
N LEU A 7 -2.80 -3.95 -7.62
CA LEU A 7 -2.01 -3.30 -6.59
C LEU A 7 -2.16 -1.79 -6.65
N VAL A 8 -1.94 -1.23 -7.83
CA VAL A 8 -2.05 0.20 -8.04
C VAL A 8 -3.49 0.67 -7.92
N SER A 9 -4.42 -0.14 -8.45
CA SER A 9 -5.83 0.20 -8.40
C SER A 9 -6.31 0.34 -6.96
N PHE A 10 -5.74 -0.45 -6.07
CA PHE A 10 -6.11 -0.41 -4.66
C PHE A 10 -5.28 0.64 -3.92
N LEU A 11 -3.99 0.68 -4.19
CA LEU A 11 -3.09 1.64 -3.57
C LEU A 11 -3.67 3.05 -3.63
N THR A 12 -4.04 3.47 -4.83
CA THR A 12 -4.63 4.79 -5.03
C THR A 12 -6.08 4.80 -4.57
N GLY A 13 -6.85 3.82 -5.02
CA GLY A 13 -8.25 3.74 -4.65
C GLY A 13 -8.44 3.78 -3.14
N LEU A 14 -7.39 3.40 -2.41
CA LEU A 14 -7.43 3.42 -0.96
C LEU A 14 -7.72 4.82 -0.43
N GLY A 15 -7.53 5.83 -1.27
CA GLY A 15 -7.76 7.20 -0.86
C GLY A 15 -6.51 8.06 -0.95
N CYS A 16 -5.48 7.54 -1.60
CA CYS A 16 -4.22 8.28 -1.74
C CYS A 16 -3.73 8.26 -3.20
N PRO A 17 -4.33 9.08 -4.06
CA PRO A 17 -3.95 9.16 -5.48
C PRO A 17 -2.71 10.00 -5.71
N ASN A 18 -2.08 10.47 -4.63
CA ASN A 18 -0.88 11.29 -4.74
C ASN A 18 0.19 10.82 -3.76
N CYS A 19 0.07 9.57 -3.30
CA CYS A 19 1.04 9.02 -2.36
C CYS A 19 1.82 7.88 -2.99
N ILE A 20 1.20 7.19 -3.95
CA ILE A 20 1.84 6.08 -4.64
C ILE A 20 3.26 6.45 -5.08
N GLU A 21 3.41 7.64 -5.64
CA GLU A 21 4.70 8.12 -6.10
C GLU A 21 5.77 7.94 -5.01
N TYR A 22 5.41 8.31 -3.79
CA TYR A 22 6.31 8.19 -2.66
C TYR A 22 6.43 6.73 -2.23
N PHE A 23 5.33 5.98 -2.39
CA PHE A 23 5.32 4.57 -2.04
C PHE A 23 6.18 3.77 -3.00
N THR A 24 5.95 3.96 -4.29
CA THR A 24 6.70 3.25 -5.33
C THR A 24 8.20 3.53 -5.20
N SER A 25 8.53 4.70 -4.65
CA SER A 25 9.94 5.09 -4.48
C SER A 25 10.75 3.95 -3.86
N GLN A 26 10.08 3.11 -3.08
CA GLN A 26 10.75 1.98 -2.43
C GLN A 26 10.46 0.68 -3.19
N GLY A 27 9.19 0.36 -3.35
CA GLY A 27 8.80 -0.85 -4.03
C GLY A 27 7.35 -1.22 -3.76
N LEU A 28 6.47 -0.24 -3.86
CA LEU A 28 5.05 -0.46 -3.60
C LEU A 28 4.27 -0.63 -4.90
N GLN A 29 4.89 -1.32 -5.86
CA GLN A 29 4.23 -1.60 -7.13
C GLN A 29 3.66 -3.01 -7.13
N SER A 30 4.28 -3.88 -6.35
CA SER A 30 3.80 -5.25 -6.19
C SER A 30 3.24 -5.45 -4.78
N ILE A 31 1.93 -5.57 -4.68
CA ILE A 31 1.27 -5.72 -3.39
C ILE A 31 2.01 -6.72 -2.49
N TYR A 32 2.61 -7.73 -3.11
CA TYR A 32 3.36 -8.74 -2.38
C TYR A 32 4.47 -8.09 -1.54
N HIS A 33 4.85 -6.86 -1.91
CA HIS A 33 5.90 -6.15 -1.20
C HIS A 33 5.36 -5.43 0.04
N LEU A 34 4.04 -5.27 0.11
CA LEU A 34 3.43 -4.61 1.26
C LEU A 34 2.58 -5.58 2.10
N GLN A 35 2.68 -6.86 1.79
CA GLN A 35 1.94 -7.88 2.52
C GLN A 35 2.19 -7.78 4.02
N ASN A 36 3.42 -7.45 4.38
CA ASN A 36 3.80 -7.32 5.79
C ASN A 36 3.81 -5.86 6.23
N LEU A 37 3.95 -4.95 5.27
CA LEU A 37 3.97 -3.53 5.55
C LEU A 37 2.83 -3.13 6.48
N THR A 38 3.14 -2.32 7.48
CA THR A 38 2.14 -1.87 8.43
C THR A 38 2.22 -0.37 8.66
N ILE A 39 1.32 0.14 9.49
CA ILE A 39 1.34 1.54 9.84
C ILE A 39 2.67 1.89 10.48
N GLU A 40 3.23 0.92 11.19
CA GLU A 40 4.51 1.08 11.85
C GLU A 40 5.58 1.48 10.85
N ASP A 41 5.61 0.79 9.71
CA ASP A 41 6.60 1.08 8.67
C ASP A 41 6.12 2.21 7.77
N LEU A 42 4.80 2.36 7.67
CA LEU A 42 4.20 3.41 6.85
C LEU A 42 4.84 4.75 7.15
N GLY A 43 4.87 5.13 8.43
CA GLY A 43 5.47 6.38 8.83
C GLY A 43 6.97 6.39 8.65
N ALA A 44 7.55 5.23 8.35
CA ALA A 44 8.99 5.11 8.14
C ALA A 44 9.37 5.70 6.78
N LEU A 45 8.57 5.40 5.77
CA LEU A 45 8.80 5.91 4.43
C LEU A 45 9.07 7.40 4.44
N LYS A 46 8.52 8.08 5.44
CA LYS A 46 8.66 9.53 5.60
C LYS A 46 7.57 10.28 4.83
N ILE A 47 6.52 9.56 4.46
CA ILE A 47 5.39 10.14 3.73
C ILE A 47 4.38 10.75 4.70
N PRO A 48 3.83 11.94 4.38
CA PRO A 48 2.85 12.61 5.22
C PRO A 48 1.84 11.63 5.82
N GLU A 49 1.38 11.93 7.03
CA GLU A 49 0.43 11.07 7.72
C GLU A 49 -1.02 11.48 7.41
N GLN A 50 -1.28 11.79 6.14
CA GLN A 50 -2.62 12.19 5.72
C GLN A 50 -3.57 10.99 5.77
N TYR A 51 -3.10 9.85 5.29
CA TYR A 51 -3.91 8.64 5.29
C TYR A 51 -3.07 7.42 5.65
N ARG A 52 -2.03 7.65 6.47
CA ARG A 52 -1.13 6.58 6.89
C ARG A 52 -1.92 5.37 7.38
N MET A 53 -2.86 5.60 8.29
CA MET A 53 -3.68 4.52 8.84
C MET A 53 -4.48 3.81 7.75
N THR A 54 -5.24 4.59 6.98
CA THR A 54 -6.06 4.02 5.91
C THR A 54 -5.25 3.05 5.05
N ILE A 55 -4.07 3.50 4.63
CA ILE A 55 -3.20 2.67 3.82
C ILE A 55 -2.85 1.37 4.54
N TRP A 56 -2.58 1.48 5.84
CA TRP A 56 -2.25 0.32 6.66
C TRP A 56 -3.44 -0.64 6.69
N ARG A 57 -4.63 -0.10 6.93
CA ARG A 57 -5.85 -0.91 6.98
C ARG A 57 -5.94 -1.83 5.77
N GLY A 58 -5.97 -1.24 4.59
CA GLY A 58 -6.02 -2.01 3.37
C GLY A 58 -4.86 -2.97 3.26
N LEU A 59 -3.72 -2.58 3.84
CA LEU A 59 -2.54 -3.42 3.83
C LEU A 59 -2.74 -4.62 4.75
N GLN A 60 -3.61 -4.46 5.76
CA GLN A 60 -3.97 -5.58 6.62
C GLN A 60 -4.80 -6.58 5.82
N ASP A 61 -5.25 -6.15 4.63
CA ASP A 61 -6.05 -6.98 3.76
C ASP A 61 -5.17 -7.91 2.92
N LEU A 62 -4.01 -7.41 2.50
CA LEU A 62 -3.08 -8.23 1.71
C LEU A 62 -2.79 -9.54 2.43
N LYS A 63 -2.72 -9.47 3.75
CA LYS A 63 -2.44 -10.65 4.58
C LYS A 63 -3.45 -11.76 4.31
N GLN A 64 -4.72 -11.48 4.61
CA GLN A 64 -5.79 -12.46 4.43
C GLN A 64 -5.64 -13.21 3.10
N GLY A 65 -5.58 -12.47 2.00
CA GLY A 65 -5.43 -13.08 0.70
C GLY A 65 -5.78 -12.14 -0.44
N HIS A 66 -4.75 -11.54 -1.04
CA HIS A 66 -4.95 -10.61 -2.13
C HIS A 66 -4.22 -11.08 -3.38
N ASP A 67 -4.93 -11.83 -4.21
CA ASP A 67 -4.37 -12.35 -5.45
C ASP A 67 -5.31 -13.37 -6.09
N TYR A 68 -5.37 -13.35 -7.41
CA TYR A 68 -6.20 -14.26 -8.18
C TYR A 68 -6.23 -15.67 -7.56
N TYR A 1 4.85 -13.72 -15.11
CA TYR A 1 4.64 -12.76 -13.98
C TYR A 1 3.95 -11.49 -14.47
N HIS A 2 2.70 -11.64 -14.92
CA HIS A 2 1.93 -10.50 -15.41
C HIS A 2 1.06 -9.92 -14.30
N ALA A 3 1.66 -9.06 -13.49
CA ALA A 3 0.95 -8.42 -12.39
C ALA A 3 1.29 -6.93 -12.32
N ASP A 4 0.31 -6.12 -11.91
CA ASP A 4 0.51 -4.69 -11.81
C ASP A 4 -0.80 -3.97 -11.47
N PRO A 5 -1.78 -4.04 -12.38
CA PRO A 5 -3.09 -3.40 -12.19
C PRO A 5 -3.75 -3.83 -10.88
N SER A 6 -3.34 -4.98 -10.36
CA SER A 6 -3.90 -5.50 -9.12
C SER A 6 -3.21 -4.90 -7.89
N LEU A 7 -2.35 -3.90 -8.11
CA LEU A 7 -1.65 -3.25 -7.01
C LEU A 7 -1.96 -1.76 -6.99
N VAL A 8 -1.62 -1.07 -8.06
CA VAL A 8 -1.86 0.36 -8.16
C VAL A 8 -3.33 0.68 -7.98
N SER A 9 -4.20 -0.20 -8.48
CA SER A 9 -5.64 0.00 -8.37
C SER A 9 -6.09 -0.03 -6.91
N PHE A 10 -5.30 -0.70 -6.07
CA PHE A 10 -5.62 -0.80 -4.65
C PHE A 10 -4.90 0.28 -3.84
N LEU A 11 -3.59 0.41 -4.08
CA LEU A 11 -2.79 1.41 -3.39
C LEU A 11 -3.47 2.77 -3.42
N THR A 12 -3.81 3.21 -4.63
CA THR A 12 -4.48 4.49 -4.81
C THR A 12 -5.91 4.43 -4.29
N GLY A 13 -6.64 3.41 -4.70
CA GLY A 13 -8.02 3.26 -4.27
C GLY A 13 -8.16 3.36 -2.76
N LEU A 14 -7.13 2.92 -2.05
CA LEU A 14 -7.12 2.98 -0.60
C LEU A 14 -7.23 4.43 -0.11
N GLY A 15 -6.96 5.38 -1.00
CA GLY A 15 -7.03 6.77 -0.63
C GLY A 15 -5.70 7.49 -0.85
N CYS A 16 -4.77 6.83 -1.53
CA CYS A 16 -3.45 7.42 -1.79
C CYS A 16 -3.24 7.66 -3.29
N PRO A 17 -3.94 8.66 -3.85
CA PRO A 17 -3.83 8.99 -5.27
C PRO A 17 -2.59 9.82 -5.60
N ASN A 18 -1.96 10.37 -4.58
CA ASN A 18 -0.77 11.19 -4.77
C ASN A 18 0.36 10.76 -3.83
N CYS A 19 0.30 9.53 -3.36
CA CYS A 19 1.32 9.00 -2.46
C CYS A 19 2.09 7.87 -3.10
N ILE A 20 1.44 7.15 -4.02
CA ILE A 20 2.07 6.05 -4.72
C ILE A 20 3.44 6.44 -5.26
N GLU A 21 3.56 7.71 -5.64
CA GLU A 21 4.82 8.24 -6.15
C GLU A 21 5.92 8.11 -5.10
N TYR A 22 5.57 8.48 -3.87
CA TYR A 22 6.52 8.41 -2.77
C TYR A 22 6.65 6.97 -2.27
N PHE A 23 5.59 6.19 -2.45
CA PHE A 23 5.59 4.79 -2.04
C PHE A 23 6.39 3.95 -3.03
N THR A 24 6.13 4.16 -4.32
CA THR A 24 6.84 3.44 -5.38
C THR A 24 8.35 3.61 -5.24
N SER A 25 8.76 4.76 -4.73
CA SER A 25 10.18 5.06 -4.57
C SER A 25 10.88 3.98 -3.73
N GLN A 26 10.10 3.27 -2.91
CA GLN A 26 10.66 2.22 -2.06
C GLN A 26 10.41 0.85 -2.67
N GLY A 27 9.28 0.70 -3.34
CA GLY A 27 8.94 -0.57 -3.96
C GLY A 27 7.49 -0.96 -3.72
N LEU A 28 6.60 0.01 -3.84
CA LEU A 28 5.17 -0.23 -3.63
C LEU A 28 4.45 -0.38 -4.96
N GLN A 29 5.09 -1.05 -5.91
CA GLN A 29 4.49 -1.29 -7.22
C GLN A 29 3.91 -2.69 -7.27
N SER A 30 4.50 -3.60 -6.51
CA SER A 30 4.02 -4.97 -6.41
C SER A 30 3.45 -5.23 -5.01
N ILE A 31 2.14 -5.37 -4.93
CA ILE A 31 1.48 -5.59 -3.64
C ILE A 31 2.22 -6.64 -2.80
N TYR A 32 2.91 -7.55 -3.47
CA TYR A 32 3.67 -8.58 -2.78
C TYR A 32 4.72 -7.96 -1.88
N HIS A 33 5.10 -6.71 -2.18
CA HIS A 33 6.10 -6.00 -1.39
C HIS A 33 5.46 -5.33 -0.17
N LEU A 34 4.15 -5.13 -0.21
CA LEU A 34 3.44 -4.50 0.89
C LEU A 34 2.54 -5.50 1.62
N GLN A 35 2.72 -6.78 1.35
CA GLN A 35 1.92 -7.83 1.97
C GLN A 35 2.23 -7.95 3.46
N ASN A 36 3.36 -7.40 3.88
CA ASN A 36 3.77 -7.46 5.29
C ASN A 36 4.12 -6.08 5.84
N LEU A 37 3.68 -5.03 5.15
CA LEU A 37 3.94 -3.67 5.61
C LEU A 37 2.90 -3.23 6.62
N THR A 38 3.31 -2.39 7.57
CA THR A 38 2.40 -1.90 8.60
C THR A 38 2.49 -0.40 8.75
N ILE A 39 1.59 0.15 9.56
CA ILE A 39 1.60 1.58 9.84
C ILE A 39 2.94 1.98 10.40
N GLU A 40 3.54 1.06 11.17
CA GLU A 40 4.83 1.30 11.79
C GLU A 40 5.88 1.57 10.72
N ASP A 41 5.79 0.84 9.60
CA ASP A 41 6.72 1.02 8.49
C ASP A 41 6.25 2.14 7.57
N LEU A 42 4.94 2.36 7.56
CA LEU A 42 4.34 3.41 6.73
C LEU A 42 4.98 4.76 7.02
N GLY A 43 4.85 5.22 8.26
CA GLY A 43 5.44 6.49 8.64
C GLY A 43 6.92 6.54 8.36
N ALA A 44 7.54 5.38 8.22
CA ALA A 44 8.97 5.31 7.93
C ALA A 44 9.27 5.97 6.59
N LEU A 45 8.36 5.77 5.64
CA LEU A 45 8.50 6.35 4.31
C LEU A 45 8.52 7.88 4.38
N LYS A 46 8.12 8.45 5.51
CA LYS A 46 8.10 9.89 5.69
C LYS A 46 6.93 10.52 4.93
N ILE A 47 5.95 9.70 4.60
CA ILE A 47 4.77 10.18 3.89
C ILE A 47 3.80 10.87 4.85
N PRO A 48 3.21 12.00 4.43
CA PRO A 48 2.26 12.73 5.27
C PRO A 48 1.28 11.81 5.97
N GLU A 49 0.71 12.29 7.07
CA GLU A 49 -0.25 11.50 7.84
C GLU A 49 -1.66 11.72 7.33
N GLN A 50 -1.83 11.67 6.01
CA GLN A 50 -3.14 11.85 5.40
C GLN A 50 -3.92 10.55 5.35
N TYR A 51 -3.24 9.47 4.93
CA TYR A 51 -3.88 8.17 4.83
C TYR A 51 -2.93 7.06 5.28
N ARG A 52 -1.94 7.41 6.08
CA ARG A 52 -0.98 6.44 6.58
C ARG A 52 -1.71 5.25 7.21
N MET A 53 -2.54 5.54 8.22
CA MET A 53 -3.30 4.49 8.89
C MET A 53 -4.21 3.77 7.90
N THR A 54 -4.84 4.54 7.02
CA THR A 54 -5.74 3.97 6.01
C THR A 54 -5.01 2.89 5.21
N ILE A 55 -3.81 3.21 4.76
CA ILE A 55 -3.01 2.27 3.99
C ILE A 55 -2.67 1.03 4.80
N TRP A 56 -2.43 1.23 6.09
CA TRP A 56 -2.09 0.11 6.98
C TRP A 56 -3.27 -0.85 7.09
N ARG A 57 -4.45 -0.31 7.39
CA ARG A 57 -5.65 -1.13 7.52
C ARG A 57 -5.97 -1.85 6.22
N GLY A 58 -5.65 -1.20 5.10
CA GLY A 58 -5.90 -1.80 3.80
C GLY A 58 -4.86 -2.85 3.44
N LEU A 59 -3.68 -2.71 4.03
CA LEU A 59 -2.60 -3.66 3.78
C LEU A 59 -2.80 -4.93 4.59
N GLN A 60 -3.37 -4.78 5.79
CA GLN A 60 -3.63 -5.91 6.65
C GLN A 60 -4.81 -6.71 6.13
N ASP A 61 -5.74 -6.02 5.46
CA ASP A 61 -6.91 -6.68 4.88
C ASP A 61 -6.49 -7.64 3.77
N LEU A 62 -5.43 -7.28 3.07
CA LEU A 62 -4.92 -8.10 1.98
C LEU A 62 -4.52 -9.49 2.49
N LYS A 63 -3.68 -9.50 3.53
CA LYS A 63 -3.22 -10.74 4.14
C LYS A 63 -4.40 -11.66 4.44
N GLN A 64 -5.37 -11.14 5.19
CA GLN A 64 -6.54 -11.91 5.57
C GLN A 64 -7.24 -12.49 4.33
N GLY A 65 -7.91 -11.63 3.59
CA GLY A 65 -8.61 -12.06 2.39
C GLY A 65 -10.10 -11.84 2.49
N HIS A 66 -10.78 -12.66 3.28
CA HIS A 66 -12.22 -12.54 3.46
C HIS A 66 -12.56 -12.04 4.86
N ASP A 67 -13.44 -11.06 4.93
CA ASP A 67 -13.86 -10.49 6.21
C ASP A 67 -14.88 -9.39 6.00
N TYR A 68 -15.86 -9.34 6.90
CA TYR A 68 -16.91 -8.33 6.83
C TYR A 68 -17.78 -8.54 5.60
N TYR A 1 -13.89 -5.87 -7.50
CA TYR A 1 -12.56 -6.37 -7.92
C TYR A 1 -12.18 -5.87 -9.31
N HIS A 2 -11.18 -5.00 -9.37
CA HIS A 2 -10.72 -4.44 -10.63
C HIS A 2 -9.21 -4.53 -10.76
N ALA A 3 -8.66 -5.70 -10.49
CA ALA A 3 -7.22 -5.92 -10.57
C ALA A 3 -6.72 -5.74 -11.99
N ASP A 4 -5.44 -6.01 -12.18
CA ASP A 4 -4.82 -5.80 -13.48
C ASP A 4 -5.00 -4.32 -13.85
N PRO A 5 -4.36 -3.41 -13.08
CA PRO A 5 -3.43 -3.75 -11.99
C PRO A 5 -4.13 -4.07 -10.68
N SER A 6 -3.61 -5.07 -9.98
CA SER A 6 -4.17 -5.48 -8.69
C SER A 6 -3.60 -4.63 -7.55
N LEU A 7 -2.41 -4.07 -7.78
CA LEU A 7 -1.74 -3.26 -6.77
C LEU A 7 -2.02 -1.78 -6.99
N VAL A 8 -1.78 -1.30 -8.20
CA VAL A 8 -1.99 0.10 -8.53
C VAL A 8 -3.40 0.57 -8.16
N SER A 9 -4.40 -0.08 -8.75
CA SER A 9 -5.79 0.27 -8.50
C SER A 9 -6.13 0.22 -7.01
N PHE A 10 -5.32 -0.47 -6.24
CA PHE A 10 -5.55 -0.60 -4.80
C PHE A 10 -4.86 0.51 -4.03
N LEU A 11 -3.54 0.62 -4.20
CA LEU A 11 -2.75 1.64 -3.52
C LEU A 11 -3.42 3.01 -3.61
N THR A 12 -3.89 3.35 -4.80
CA THR A 12 -4.56 4.61 -5.03
C THR A 12 -6.03 4.52 -4.63
N GLY A 13 -6.70 3.48 -5.12
CA GLY A 13 -8.10 3.28 -4.81
C GLY A 13 -8.36 3.31 -3.32
N LEU A 14 -7.36 2.95 -2.53
CA LEU A 14 -7.47 2.96 -1.08
C LEU A 14 -7.77 4.36 -0.56
N GLY A 15 -7.54 5.37 -1.41
CA GLY A 15 -7.77 6.74 -1.00
C GLY A 15 -6.48 7.55 -0.97
N CYS A 16 -5.45 7.04 -1.61
CA CYS A 16 -4.15 7.73 -1.63
C CYS A 16 -3.63 7.89 -3.06
N PRO A 17 -4.27 8.78 -3.85
CA PRO A 17 -3.88 9.02 -5.24
C PRO A 17 -2.73 10.02 -5.36
N ASN A 18 -2.09 10.34 -4.24
CA ASN A 18 -0.98 11.29 -4.25
C ASN A 18 0.15 10.82 -3.33
N CYS A 19 0.13 9.54 -2.96
CA CYS A 19 1.17 8.99 -2.09
C CYS A 19 1.97 7.89 -2.80
N ILE A 20 1.38 7.30 -3.83
CA ILE A 20 2.03 6.24 -4.59
C ILE A 20 3.45 6.65 -4.99
N GLU A 21 3.60 7.88 -5.44
CA GLU A 21 4.90 8.39 -5.85
C GLU A 21 5.92 8.26 -4.72
N TYR A 22 5.49 8.57 -3.50
CA TYR A 22 6.36 8.48 -2.34
C TYR A 22 6.58 7.02 -1.94
N PHE A 23 5.54 6.21 -2.14
CA PHE A 23 5.61 4.79 -1.81
C PHE A 23 6.47 4.03 -2.83
N THR A 24 6.16 4.23 -4.11
CA THR A 24 6.89 3.57 -5.18
C THR A 24 8.40 3.72 -5.00
N SER A 25 8.82 4.86 -4.46
CA SER A 25 10.23 5.14 -4.26
C SER A 25 10.94 3.97 -3.57
N GLN A 26 10.20 3.19 -2.82
CA GLN A 26 10.77 2.05 -2.10
C GLN A 26 10.48 0.74 -2.83
N GLY A 27 9.35 0.70 -3.53
CA GLY A 27 8.96 -0.51 -4.24
C GLY A 27 7.54 -0.94 -3.90
N LEU A 28 6.63 0.02 -3.90
CA LEU A 28 5.23 -0.25 -3.57
C LEU A 28 4.39 -0.38 -4.83
N GLN A 29 4.96 -1.03 -5.84
CA GLN A 29 4.25 -1.25 -7.10
C GLN A 29 3.67 -2.66 -7.13
N SER A 30 4.35 -3.57 -6.45
CA SER A 30 3.90 -4.95 -6.34
C SER A 30 3.37 -5.21 -4.93
N ILE A 31 2.05 -5.36 -4.80
CA ILE A 31 1.43 -5.57 -3.50
C ILE A 31 2.21 -6.58 -2.65
N TYR A 32 2.90 -7.50 -3.32
CA TYR A 32 3.69 -8.51 -2.62
C TYR A 32 4.76 -7.83 -1.76
N HIS A 33 5.13 -6.61 -2.11
CA HIS A 33 6.15 -5.87 -1.37
C HIS A 33 5.58 -5.22 -0.11
N LEU A 34 4.25 -5.16 -0.02
CA LEU A 34 3.59 -4.56 1.15
C LEU A 34 2.78 -5.58 1.92
N GLN A 35 2.76 -6.82 1.45
CA GLN A 35 2.01 -7.88 2.11
C GLN A 35 2.30 -7.93 3.60
N ASN A 36 3.55 -7.66 3.97
CA ASN A 36 3.97 -7.71 5.36
C ASN A 36 4.22 -6.32 5.93
N LEU A 37 3.74 -5.29 5.24
CA LEU A 37 3.92 -3.92 5.70
C LEU A 37 2.82 -3.53 6.68
N THR A 38 3.11 -2.55 7.53
CA THR A 38 2.13 -2.08 8.52
C THR A 38 2.18 -0.57 8.65
N ILE A 39 1.26 -0.03 9.45
CA ILE A 39 1.23 1.39 9.72
C ILE A 39 2.55 1.81 10.32
N GLU A 40 3.12 0.92 11.12
CA GLU A 40 4.40 1.18 11.77
C GLU A 40 5.48 1.45 10.74
N ASP A 41 5.45 0.71 9.64
CA ASP A 41 6.41 0.88 8.57
C ASP A 41 5.96 1.98 7.61
N LEU A 42 4.65 2.10 7.44
CA LEU A 42 4.08 3.12 6.57
C LEU A 42 4.63 4.49 6.92
N GLY A 43 4.67 4.79 8.21
CA GLY A 43 5.19 6.06 8.67
C GLY A 43 6.71 6.10 8.65
N ALA A 44 7.34 5.00 8.25
CA ALA A 44 8.79 4.93 8.17
C ALA A 44 9.27 5.50 6.84
N LEU A 45 8.48 5.29 5.81
CA LEU A 45 8.79 5.78 4.47
C LEU A 45 8.90 7.30 4.44
N LYS A 46 8.41 7.96 5.49
CA LYS A 46 8.43 9.42 5.57
C LYS A 46 7.36 10.04 4.69
N ILE A 47 6.39 9.23 4.29
CA ILE A 47 5.29 9.69 3.46
C ILE A 47 4.19 10.31 4.33
N PRO A 48 3.61 11.43 3.89
CA PRO A 48 2.55 12.12 4.62
C PRO A 48 1.57 11.15 5.29
N GLU A 49 1.18 11.47 6.51
CA GLU A 49 0.27 10.61 7.26
C GLU A 49 -1.18 11.02 7.05
N GLN A 50 -1.45 11.71 5.95
CA GLN A 50 -2.81 12.14 5.63
C GLN A 50 -3.75 10.95 5.61
N TYR A 51 -3.26 9.82 5.13
CA TYR A 51 -4.06 8.60 5.06
C TYR A 51 -3.21 7.39 5.45
N ARG A 52 -2.21 7.62 6.29
CA ARG A 52 -1.31 6.55 6.74
C ARG A 52 -2.09 5.33 7.20
N MET A 53 -2.96 5.54 8.19
CA MET A 53 -3.77 4.45 8.74
C MET A 53 -4.58 3.78 7.64
N THR A 54 -5.23 4.59 6.81
CA THR A 54 -6.04 4.07 5.71
C THR A 54 -5.25 3.06 4.89
N ILE A 55 -4.05 3.45 4.48
CA ILE A 55 -3.19 2.58 3.70
C ILE A 55 -2.93 1.27 4.44
N TRP A 56 -2.49 1.38 5.69
CA TRP A 56 -2.25 0.21 6.51
C TRP A 56 -3.48 -0.69 6.53
N ARG A 57 -4.64 -0.09 6.76
CA ARG A 57 -5.90 -0.83 6.78
C ARG A 57 -6.03 -1.71 5.54
N GLY A 58 -5.66 -1.16 4.40
CA GLY A 58 -5.70 -1.91 3.16
C GLY A 58 -4.53 -2.86 3.05
N LEU A 59 -3.46 -2.57 3.78
CA LEU A 59 -2.27 -3.42 3.77
C LEU A 59 -2.41 -4.57 4.75
N GLN A 60 -3.23 -4.39 5.77
CA GLN A 60 -3.54 -5.48 6.68
C GLN A 60 -4.46 -6.49 5.98
N ASP A 61 -4.99 -6.07 4.82
CA ASP A 61 -5.85 -6.93 4.03
C ASP A 61 -5.02 -7.89 3.20
N LEU A 62 -3.88 -7.42 2.69
CA LEU A 62 -2.99 -8.29 1.90
C LEU A 62 -2.67 -9.55 2.70
N LYS A 63 -2.69 -9.41 4.02
CA LYS A 63 -2.38 -10.52 4.91
C LYS A 63 -3.62 -11.32 5.28
N GLN A 64 -4.51 -10.72 6.06
CA GLN A 64 -5.72 -11.39 6.50
C GLN A 64 -6.91 -11.02 5.64
N GLY A 65 -6.64 -10.80 4.37
CA GLY A 65 -7.68 -10.46 3.41
C GLY A 65 -7.69 -11.35 2.19
N HIS A 66 -6.76 -12.30 2.13
CA HIS A 66 -6.67 -13.22 1.00
C HIS A 66 -6.35 -14.64 1.48
N ASP A 67 -7.19 -15.60 1.09
CA ASP A 67 -7.02 -16.99 1.47
C ASP A 67 -8.25 -17.80 1.11
N TYR A 68 -8.02 -19.05 0.75
CA TYR A 68 -9.10 -19.97 0.38
C TYR A 68 -10.32 -19.81 1.28
N TYR A 1 2.02 -11.83 -22.14
CA TYR A 1 1.14 -11.13 -21.17
C TYR A 1 1.45 -11.57 -19.73
N HIS A 2 1.81 -10.60 -18.89
CA HIS A 2 2.12 -10.88 -17.50
C HIS A 2 2.27 -9.60 -16.70
N ALA A 3 1.54 -9.49 -15.60
CA ALA A 3 1.59 -8.31 -14.75
C ALA A 3 0.84 -8.54 -13.44
N ASP A 4 0.92 -7.58 -12.54
CA ASP A 4 0.25 -7.67 -11.25
C ASP A 4 -0.62 -6.45 -10.99
N PRO A 5 -1.71 -6.30 -11.76
CA PRO A 5 -2.63 -5.16 -11.62
C PRO A 5 -3.13 -5.00 -10.19
N SER A 6 -3.32 -6.12 -9.50
CA SER A 6 -3.80 -6.11 -8.12
C SER A 6 -2.79 -5.45 -7.20
N LEU A 7 -2.69 -4.13 -7.27
CA LEU A 7 -1.77 -3.38 -6.43
C LEU A 7 -1.98 -1.88 -6.58
N VAL A 8 -1.67 -1.36 -7.77
CA VAL A 8 -1.82 0.07 -8.03
C VAL A 8 -3.27 0.50 -7.85
N SER A 9 -4.21 -0.30 -8.35
CA SER A 9 -5.63 0.00 -8.25
C SER A 9 -6.05 0.17 -6.79
N PHE A 10 -5.42 -0.62 -5.91
CA PHE A 10 -5.74 -0.56 -4.48
C PHE A 10 -4.98 0.56 -3.80
N LEU A 11 -3.70 0.69 -4.13
CA LEU A 11 -2.85 1.74 -3.55
C LEU A 11 -3.55 3.09 -3.59
N THR A 12 -3.96 3.49 -4.79
CA THR A 12 -4.65 4.76 -4.98
C THR A 12 -6.07 4.68 -4.42
N GLY A 13 -6.79 3.64 -4.81
CA GLY A 13 -8.16 3.47 -4.34
C GLY A 13 -8.27 3.59 -2.83
N LEU A 14 -7.21 3.23 -2.14
CA LEU A 14 -7.17 3.31 -0.69
C LEU A 14 -7.29 4.75 -0.22
N GLY A 15 -7.10 5.69 -1.13
CA GLY A 15 -7.15 7.10 -0.77
C GLY A 15 -5.83 7.80 -0.98
N CYS A 16 -4.90 7.15 -1.69
CA CYS A 16 -3.59 7.73 -1.94
C CYS A 16 -3.40 8.00 -3.44
N PRO A 17 -4.20 8.93 -4.00
CA PRO A 17 -4.10 9.28 -5.42
C PRO A 17 -2.85 10.09 -5.73
N ASN A 18 -2.26 10.69 -4.70
CA ASN A 18 -1.06 11.48 -4.87
C ASN A 18 0.02 11.06 -3.87
N CYS A 19 -0.09 9.82 -3.38
CA CYS A 19 0.87 9.30 -2.42
C CYS A 19 1.70 8.18 -3.05
N ILE A 20 1.09 7.47 -3.99
CA ILE A 20 1.77 6.37 -4.68
C ILE A 20 3.15 6.80 -5.17
N GLU A 21 3.25 8.05 -5.62
CA GLU A 21 4.51 8.59 -6.10
C GLU A 21 5.60 8.46 -5.04
N TYR A 22 5.24 8.80 -3.80
CA TYR A 22 6.18 8.71 -2.69
C TYR A 22 6.42 7.26 -2.32
N PHE A 23 5.37 6.45 -2.41
CA PHE A 23 5.46 5.03 -2.09
C PHE A 23 6.29 4.29 -3.13
N THR A 24 5.97 4.49 -4.40
CA THR A 24 6.68 3.85 -5.49
C THR A 24 8.19 4.02 -5.34
N SER A 25 8.61 5.19 -4.89
CA SER A 25 10.03 5.47 -4.70
C SER A 25 10.69 4.41 -3.82
N GLN A 26 9.89 3.72 -3.03
CA GLN A 26 10.40 2.68 -2.15
C GLN A 26 10.19 1.30 -2.75
N GLY A 27 9.22 1.19 -3.65
CA GLY A 27 8.93 -0.08 -4.28
C GLY A 27 7.53 -0.57 -3.96
N LEU A 28 6.56 0.33 -4.04
CA LEU A 28 5.18 -0.02 -3.76
C LEU A 28 4.40 -0.26 -5.04
N GLN A 29 5.05 -0.90 -6.00
CA GLN A 29 4.41 -1.23 -7.27
C GLN A 29 3.95 -2.68 -7.27
N SER A 30 4.63 -3.51 -6.48
CA SER A 30 4.27 -4.91 -6.35
C SER A 30 3.72 -5.19 -4.96
N ILE A 31 2.41 -5.39 -4.86
CA ILE A 31 1.77 -5.64 -3.57
C ILE A 31 2.58 -6.64 -2.73
N TYR A 32 3.29 -7.52 -3.41
CA TYR A 32 4.13 -8.51 -2.75
C TYR A 32 5.12 -7.83 -1.81
N HIS A 33 5.40 -6.55 -2.07
CA HIS A 33 6.33 -5.79 -1.26
C HIS A 33 5.62 -5.22 -0.02
N LEU A 34 4.32 -5.02 -0.14
CA LEU A 34 3.52 -4.50 0.97
C LEU A 34 2.64 -5.57 1.58
N GLN A 35 2.98 -6.82 1.31
CA GLN A 35 2.23 -7.95 1.84
C GLN A 35 2.23 -7.95 3.35
N ASN A 36 3.38 -7.69 3.91
CA ASN A 36 3.57 -7.70 5.36
C ASN A 36 3.65 -6.30 5.95
N LEU A 37 3.87 -5.32 5.09
CA LEU A 37 3.98 -3.93 5.54
C LEU A 37 2.89 -3.58 6.55
N THR A 38 3.18 -2.60 7.41
CA THR A 38 2.24 -2.15 8.42
C THR A 38 2.28 -0.64 8.57
N ILE A 39 1.42 -0.11 9.45
CA ILE A 39 1.42 1.31 9.72
C ILE A 39 2.77 1.72 10.30
N GLU A 40 3.37 0.79 11.04
CA GLU A 40 4.68 1.00 11.65
C GLU A 40 5.71 1.37 10.58
N ASP A 41 5.72 0.61 9.49
CA ASP A 41 6.66 0.84 8.40
C ASP A 41 6.13 1.92 7.46
N LEU A 42 4.80 1.99 7.33
CA LEU A 42 4.16 2.99 6.48
C LEU A 42 4.71 4.38 6.78
N GLY A 43 4.73 4.72 8.06
CA GLY A 43 5.25 6.01 8.48
C GLY A 43 6.76 6.09 8.36
N ALA A 44 7.40 4.93 8.27
CA ALA A 44 8.85 4.88 8.13
C ALA A 44 9.29 5.55 6.84
N LEU A 45 8.49 5.36 5.78
CA LEU A 45 8.76 5.96 4.50
C LEU A 45 9.03 7.46 4.62
N LYS A 46 8.46 8.06 5.67
CA LYS A 46 8.59 9.48 5.94
C LYS A 46 7.57 10.29 5.14
N ILE A 47 6.52 9.62 4.68
CA ILE A 47 5.46 10.27 3.91
C ILE A 47 4.43 10.89 4.85
N PRO A 48 3.97 12.11 4.55
CA PRO A 48 2.98 12.81 5.37
C PRO A 48 1.86 11.88 5.85
N GLU A 49 1.46 12.05 7.11
CA GLU A 49 0.40 11.23 7.69
C GLU A 49 -0.97 11.63 7.16
N GLN A 50 -1.15 11.52 5.84
CA GLN A 50 -2.42 11.87 5.22
C GLN A 50 -3.39 10.69 5.28
N TYR A 51 -2.93 9.53 4.81
CA TYR A 51 -3.74 8.32 4.82
C TYR A 51 -2.90 7.11 5.20
N ARG A 52 -1.95 7.31 6.11
CA ARG A 52 -1.07 6.24 6.55
C ARG A 52 -1.87 5.10 7.18
N MET A 53 -2.71 5.44 8.15
CA MET A 53 -3.52 4.43 8.82
C MET A 53 -4.44 3.72 7.83
N THR A 54 -5.02 4.50 6.91
CA THR A 54 -5.91 3.94 5.89
C THR A 54 -5.18 2.90 5.06
N ILE A 55 -3.97 3.26 4.61
CA ILE A 55 -3.16 2.35 3.81
C ILE A 55 -2.90 1.05 4.56
N TRP A 56 -2.49 1.18 5.81
CA TRP A 56 -2.22 0.02 6.66
C TRP A 56 -3.44 -0.88 6.73
N ARG A 57 -4.55 -0.32 7.21
CA ARG A 57 -5.80 -1.07 7.34
C ARG A 57 -6.11 -1.84 6.06
N GLY A 58 -5.85 -1.21 4.92
CA GLY A 58 -6.10 -1.85 3.65
C GLY A 58 -5.05 -2.90 3.32
N LEU A 59 -3.85 -2.71 3.87
CA LEU A 59 -2.76 -3.65 3.65
C LEU A 59 -2.93 -4.89 4.53
N GLN A 60 -3.47 -4.69 5.73
CA GLN A 60 -3.70 -5.79 6.65
C GLN A 60 -4.83 -6.68 6.14
N ASP A 61 -5.75 -6.07 5.39
CA ASP A 61 -6.88 -6.79 4.82
C ASP A 61 -6.39 -7.81 3.79
N LEU A 62 -5.26 -7.50 3.16
CA LEU A 62 -4.68 -8.38 2.15
C LEU A 62 -4.28 -9.72 2.77
N LYS A 63 -3.55 -9.65 3.88
CA LYS A 63 -3.10 -10.84 4.58
C LYS A 63 -4.26 -11.81 4.82
N GLN A 64 -5.39 -11.26 5.28
CA GLN A 64 -6.57 -12.06 5.56
C GLN A 64 -7.35 -12.35 4.28
N GLY A 65 -7.24 -11.45 3.31
CA GLY A 65 -7.95 -11.62 2.06
C GLY A 65 -7.03 -12.02 0.93
N HIS A 66 -6.79 -13.32 0.79
CA HIS A 66 -5.93 -13.83 -0.28
C HIS A 66 -6.75 -14.51 -1.36
N ASP A 67 -7.98 -14.05 -1.54
CA ASP A 67 -8.87 -14.61 -2.55
C ASP A 67 -10.14 -13.77 -2.69
N TYR A 68 -10.45 -13.38 -3.91
CA TYR A 68 -11.63 -12.56 -4.18
C TYR A 68 -11.51 -11.20 -3.48
N TYR A 1 8.28 -6.31 -20.67
CA TYR A 1 6.89 -6.48 -21.14
C TYR A 1 6.07 -7.28 -20.14
N HIS A 2 5.92 -6.75 -18.93
CA HIS A 2 5.17 -7.42 -17.88
C HIS A 2 4.24 -6.44 -17.17
N ALA A 3 2.97 -6.82 -17.02
CA ALA A 3 2.00 -5.97 -16.35
C ALA A 3 1.73 -6.46 -14.93
N ASP A 4 1.12 -5.60 -14.13
CA ASP A 4 0.80 -5.93 -12.75
C ASP A 4 -0.25 -4.97 -12.18
N PRO A 5 -1.44 -4.93 -12.80
CA PRO A 5 -2.53 -4.05 -12.36
C PRO A 5 -3.05 -4.42 -10.97
N SER A 6 -2.80 -5.66 -10.56
CA SER A 6 -3.24 -6.13 -9.26
C SER A 6 -2.37 -5.55 -8.14
N LEU A 7 -2.41 -4.23 -8.00
CA LEU A 7 -1.63 -3.54 -6.97
C LEU A 7 -1.92 -2.05 -6.98
N VAL A 8 -1.63 -1.40 -8.10
CA VAL A 8 -1.86 0.03 -8.24
C VAL A 8 -3.33 0.37 -8.02
N SER A 9 -4.21 -0.43 -8.62
CA SER A 9 -5.66 -0.22 -8.49
C SER A 9 -6.06 -0.14 -7.02
N PHE A 10 -5.40 -0.94 -6.19
CA PHE A 10 -5.70 -0.95 -4.76
C PHE A 10 -4.99 0.18 -4.05
N LEU A 11 -3.70 0.35 -4.34
CA LEU A 11 -2.90 1.41 -3.74
C LEU A 11 -3.62 2.75 -3.84
N THR A 12 -4.35 2.94 -4.93
CA THR A 12 -5.09 4.18 -5.15
C THR A 12 -6.43 4.15 -4.43
N GLY A 13 -7.29 3.20 -4.81
CA GLY A 13 -8.59 3.07 -4.18
C GLY A 13 -8.51 3.13 -2.67
N LEU A 14 -7.36 2.70 -2.15
CA LEU A 14 -7.10 2.75 -0.73
C LEU A 14 -7.36 4.14 -0.18
N GLY A 15 -7.26 5.13 -1.06
CA GLY A 15 -7.44 6.51 -0.66
C GLY A 15 -6.16 7.31 -0.80
N CYS A 16 -5.19 6.74 -1.53
CA CYS A 16 -3.90 7.40 -1.74
C CYS A 16 -3.63 7.62 -3.22
N PRO A 17 -4.46 8.44 -3.89
CA PRO A 17 -4.29 8.74 -5.32
C PRO A 17 -3.10 9.64 -5.59
N ASN A 18 -2.53 10.22 -4.54
CA ASN A 18 -1.38 11.10 -4.69
C ASN A 18 -0.26 10.73 -3.71
N CYS A 19 -0.31 9.51 -3.20
CA CYS A 19 0.71 9.04 -2.26
C CYS A 19 1.57 7.96 -2.89
N ILE A 20 1.00 7.24 -3.85
CA ILE A 20 1.71 6.17 -4.54
C ILE A 20 3.08 6.65 -5.03
N GLU A 21 3.14 7.91 -5.42
CA GLU A 21 4.39 8.49 -5.90
C GLU A 21 5.50 8.34 -4.86
N TYR A 22 5.17 8.64 -3.62
CA TYR A 22 6.12 8.53 -2.52
C TYR A 22 6.33 7.07 -2.16
N PHE A 23 5.26 6.28 -2.24
CA PHE A 23 5.33 4.86 -1.93
C PHE A 23 6.18 4.13 -2.96
N THR A 24 5.96 4.45 -4.24
CA THR A 24 6.71 3.84 -5.32
C THR A 24 8.21 4.08 -5.16
N SER A 25 8.55 5.24 -4.63
CA SER A 25 9.95 5.61 -4.42
C SER A 25 10.70 4.52 -3.67
N GLN A 26 9.97 3.72 -2.91
CA GLN A 26 10.57 2.63 -2.14
C GLN A 26 10.38 1.29 -2.83
N GLY A 27 9.22 1.12 -3.46
CA GLY A 27 8.94 -0.13 -4.15
C GLY A 27 7.53 -0.63 -3.89
N LEU A 28 6.56 0.28 -3.96
CA LEU A 28 5.18 -0.07 -3.71
C LEU A 28 4.42 -0.26 -5.02
N GLN A 29 5.08 -0.88 -5.99
CA GLN A 29 4.47 -1.15 -7.29
C GLN A 29 3.97 -2.59 -7.34
N SER A 30 4.63 -3.47 -6.58
CA SER A 30 4.24 -4.86 -6.51
C SER A 30 3.71 -5.17 -5.11
N ILE A 31 2.41 -5.43 -5.01
CA ILE A 31 1.79 -5.72 -3.72
C ILE A 31 2.61 -6.72 -2.91
N TYR A 32 3.35 -7.57 -3.61
CA TYR A 32 4.20 -8.55 -2.97
C TYR A 32 5.21 -7.86 -2.05
N HIS A 33 5.47 -6.58 -2.32
CA HIS A 33 6.41 -5.81 -1.53
C HIS A 33 5.74 -5.26 -0.26
N LEU A 34 4.40 -5.19 -0.30
CA LEU A 34 3.64 -4.68 0.84
C LEU A 34 2.78 -5.78 1.45
N GLN A 35 3.14 -7.03 1.20
CA GLN A 35 2.39 -8.16 1.73
C GLN A 35 2.53 -8.27 3.24
N ASN A 36 3.55 -7.62 3.79
CA ASN A 36 3.80 -7.67 5.23
C ASN A 36 4.10 -6.28 5.79
N LEU A 37 3.75 -5.24 5.05
CA LEU A 37 3.99 -3.88 5.50
C LEU A 37 2.90 -3.42 6.46
N THR A 38 3.28 -2.60 7.44
CA THR A 38 2.34 -2.11 8.44
C THR A 38 2.46 -0.61 8.61
N ILE A 39 1.56 -0.04 9.41
CA ILE A 39 1.61 1.38 9.72
C ILE A 39 2.95 1.69 10.36
N GLU A 40 3.44 0.75 11.16
CA GLU A 40 4.72 0.89 11.82
C GLU A 40 5.81 1.21 10.81
N ASP A 41 5.80 0.50 9.68
CA ASP A 41 6.77 0.72 8.62
C ASP A 41 6.32 1.84 7.70
N LEU A 42 5.01 1.96 7.50
CA LEU A 42 4.45 3.00 6.65
C LEU A 42 5.00 4.37 7.05
N GLY A 43 4.78 4.75 8.30
CA GLY A 43 5.26 6.01 8.80
C GLY A 43 6.76 6.16 8.65
N ALA A 44 7.45 5.02 8.51
CA ALA A 44 8.90 5.03 8.35
C ALA A 44 9.30 5.72 7.07
N LEU A 45 8.55 5.46 6.00
CA LEU A 45 8.80 6.07 4.70
C LEU A 45 9.01 7.57 4.82
N LYS A 46 8.39 8.15 5.84
CA LYS A 46 8.46 9.59 6.10
C LYS A 46 7.45 10.34 5.23
N ILE A 47 6.46 9.63 4.72
CA ILE A 47 5.42 10.24 3.89
C ILE A 47 4.44 11.02 4.76
N PRO A 48 4.02 12.22 4.31
CA PRO A 48 3.07 13.06 5.04
C PRO A 48 1.95 12.25 5.67
N GLU A 49 1.67 12.50 6.94
CA GLU A 49 0.63 11.79 7.65
C GLU A 49 -0.75 12.15 7.12
N GLN A 50 -1.00 11.82 5.85
CA GLN A 50 -2.29 12.09 5.24
C GLN A 50 -3.28 10.98 5.53
N TYR A 51 -2.95 9.77 5.09
CA TYR A 51 -3.81 8.61 5.31
C TYR A 51 -2.97 7.38 5.65
N ARG A 52 -1.89 7.59 6.39
CA ARG A 52 -1.01 6.51 6.78
C ARG A 52 -1.79 5.34 7.37
N MET A 53 -2.72 5.64 8.26
CA MET A 53 -3.53 4.60 8.89
C MET A 53 -4.36 3.86 7.85
N THR A 54 -5.02 4.61 6.98
CA THR A 54 -5.84 4.02 5.93
C THR A 54 -5.02 3.03 5.11
N ILE A 55 -3.77 3.39 4.84
CA ILE A 55 -2.89 2.54 4.05
C ILE A 55 -2.62 1.21 4.77
N TRP A 56 -2.08 1.30 5.98
CA TRP A 56 -1.81 0.10 6.77
C TRP A 56 -3.06 -0.79 6.83
N ARG A 57 -4.20 -0.16 7.08
CA ARG A 57 -5.47 -0.88 7.14
C ARG A 57 -5.71 -1.66 5.85
N GLY A 58 -5.59 -0.97 4.72
CA GLY A 58 -5.77 -1.62 3.44
C GLY A 58 -4.83 -2.79 3.26
N LEU A 59 -3.59 -2.61 3.68
CA LEU A 59 -2.60 -3.67 3.60
C LEU A 59 -3.03 -4.87 4.44
N GLN A 60 -3.70 -4.59 5.54
CA GLN A 60 -4.21 -5.64 6.42
C GLN A 60 -5.34 -6.41 5.74
N ASP A 61 -6.04 -5.73 4.84
CA ASP A 61 -7.12 -6.35 4.10
C ASP A 61 -6.61 -7.50 3.26
N LEU A 62 -5.39 -7.37 2.76
CA LEU A 62 -4.77 -8.41 1.95
C LEU A 62 -4.55 -9.67 2.78
N LYS A 63 -3.95 -9.51 3.95
CA LYS A 63 -3.69 -10.63 4.83
C LYS A 63 -5.00 -11.24 5.33
N GLN A 64 -5.80 -10.42 6.00
CA GLN A 64 -7.09 -10.88 6.52
C GLN A 64 -8.03 -11.27 5.39
N GLY A 65 -7.78 -10.71 4.20
CA GLY A 65 -8.61 -11.02 3.05
C GLY A 65 -8.16 -12.27 2.32
N HIS A 66 -7.00 -12.80 2.71
CA HIS A 66 -6.48 -14.01 2.08
C HIS A 66 -6.77 -15.23 2.94
N ASP A 67 -7.10 -16.34 2.29
CA ASP A 67 -7.42 -17.58 3.00
C ASP A 67 -8.45 -17.34 4.09
N TYR A 68 -9.70 -17.63 3.78
CA TYR A 68 -10.80 -17.46 4.73
C TYR A 68 -12.15 -17.59 4.04
N TYR A 1 6.29 -5.69 -12.55
CA TYR A 1 6.56 -7.12 -12.89
C TYR A 1 5.66 -7.60 -14.03
N HIS A 2 5.81 -6.98 -15.19
CA HIS A 2 5.01 -7.36 -16.36
C HIS A 2 3.53 -7.41 -16.02
N ALA A 3 2.86 -6.27 -16.10
CA ALA A 3 1.43 -6.18 -15.80
C ALA A 3 1.16 -6.55 -14.35
N ASP A 4 0.64 -5.58 -13.59
CA ASP A 4 0.34 -5.81 -12.18
C ASP A 4 -0.79 -4.88 -11.73
N PRO A 5 -1.98 -5.02 -12.32
CA PRO A 5 -3.14 -4.18 -11.98
C PRO A 5 -3.59 -4.38 -10.53
N SER A 6 -3.43 -5.61 -10.03
CA SER A 6 -3.80 -5.92 -8.66
C SER A 6 -2.81 -5.34 -7.66
N LEU A 7 -2.72 -4.01 -7.63
CA LEU A 7 -1.80 -3.33 -6.73
C LEU A 7 -1.98 -1.82 -6.80
N VAL A 8 -1.70 -1.25 -7.96
CA VAL A 8 -1.83 0.19 -8.15
C VAL A 8 -3.26 0.65 -7.94
N SER A 9 -4.21 -0.10 -8.48
CA SER A 9 -5.63 0.24 -8.35
C SER A 9 -6.06 0.27 -6.89
N PHE A 10 -5.31 -0.44 -6.05
CA PHE A 10 -5.62 -0.50 -4.62
C PHE A 10 -4.85 0.57 -3.84
N LEU A 11 -3.55 0.65 -4.09
CA LEU A 11 -2.69 1.62 -3.42
C LEU A 11 -3.30 3.02 -3.48
N THR A 12 -3.66 3.44 -4.69
CA THR A 12 -4.26 4.75 -4.90
C THR A 12 -5.70 4.76 -4.40
N GLY A 13 -6.47 3.75 -4.81
CA GLY A 13 -7.86 3.66 -4.41
C GLY A 13 -8.03 3.77 -2.92
N LEU A 14 -7.03 3.32 -2.17
CA LEU A 14 -7.05 3.38 -0.72
C LEU A 14 -7.18 4.82 -0.23
N GLY A 15 -6.87 5.77 -1.11
CA GLY A 15 -6.94 7.17 -0.74
C GLY A 15 -5.60 7.88 -0.91
N CYS A 16 -4.66 7.23 -1.59
CA CYS A 16 -3.34 7.81 -1.81
C CYS A 16 -3.07 8.02 -3.30
N PRO A 17 -3.83 8.90 -3.95
CA PRO A 17 -3.69 9.19 -5.39
C PRO A 17 -2.49 10.09 -5.69
N ASN A 18 -1.81 10.57 -4.65
CA ASN A 18 -0.66 11.44 -4.82
C ASN A 18 0.48 11.06 -3.89
N CYS A 19 0.43 9.84 -3.36
CA CYS A 19 1.46 9.36 -2.44
C CYS A 19 2.22 8.17 -3.03
N ILE A 20 1.59 7.48 -3.98
CA ILE A 20 2.20 6.32 -4.61
C ILE A 20 3.59 6.66 -5.12
N GLU A 21 3.77 7.88 -5.60
CA GLU A 21 5.06 8.32 -6.11
C GLU A 21 6.15 8.12 -5.08
N TYR A 22 5.87 8.52 -3.84
CA TYR A 22 6.82 8.37 -2.75
C TYR A 22 6.88 6.92 -2.28
N PHE A 23 5.75 6.23 -2.37
CA PHE A 23 5.69 4.82 -1.99
C PHE A 23 6.47 3.96 -2.98
N THR A 24 6.28 4.24 -4.26
CA THR A 24 6.98 3.50 -5.31
C THR A 24 8.48 3.71 -5.19
N SER A 25 8.89 4.85 -4.66
CA SER A 25 10.30 5.17 -4.50
C SER A 25 11.03 4.05 -3.78
N GLN A 26 10.29 3.26 -3.00
CA GLN A 26 10.86 2.15 -2.26
C GLN A 26 10.60 0.83 -2.98
N GLY A 27 9.33 0.59 -3.30
CA GLY A 27 8.96 -0.64 -3.97
C GLY A 27 7.51 -1.00 -3.75
N LEU A 28 6.63 -0.01 -3.85
CA LEU A 28 5.20 -0.22 -3.65
C LEU A 28 4.47 -0.34 -4.99
N GLN A 29 5.12 -0.98 -5.96
CA GLN A 29 4.52 -1.20 -7.26
C GLN A 29 3.97 -2.62 -7.35
N SER A 30 4.60 -3.53 -6.61
CA SER A 30 4.16 -4.92 -6.54
C SER A 30 3.56 -5.20 -5.17
N ILE A 31 2.24 -5.38 -5.13
CA ILE A 31 1.55 -5.62 -3.87
C ILE A 31 2.30 -6.63 -3.00
N TYR A 32 3.01 -7.54 -3.64
CA TYR A 32 3.79 -8.54 -2.92
C TYR A 32 4.77 -7.88 -1.97
N HIS A 33 5.10 -6.62 -2.24
CA HIS A 33 6.03 -5.88 -1.41
C HIS A 33 5.31 -5.25 -0.22
N LEU A 34 3.99 -5.09 -0.33
CA LEU A 34 3.19 -4.50 0.74
C LEU A 34 2.28 -5.54 1.39
N GLN A 35 2.54 -6.81 1.12
CA GLN A 35 1.74 -7.89 1.68
C GLN A 35 1.92 -7.98 3.19
N ASN A 36 3.01 -7.43 3.70
CA ASN A 36 3.30 -7.45 5.13
C ASN A 36 3.72 -6.08 5.63
N LEU A 37 3.31 -5.04 4.92
CA LEU A 37 3.64 -3.67 5.31
C LEU A 37 2.65 -3.14 6.33
N THR A 38 3.16 -2.75 7.49
CA THR A 38 2.32 -2.22 8.56
C THR A 38 2.37 -0.71 8.60
N ILE A 39 1.57 -0.14 9.49
CA ILE A 39 1.55 1.29 9.69
C ILE A 39 2.90 1.76 10.23
N GLU A 40 3.53 0.88 11.00
CA GLU A 40 4.84 1.16 11.55
C GLU A 40 5.84 1.45 10.44
N ASP A 41 5.79 0.63 9.39
CA ASP A 41 6.67 0.80 8.24
C ASP A 41 6.10 1.84 7.28
N LEU A 42 4.77 1.91 7.20
CA LEU A 42 4.10 2.86 6.32
C LEU A 42 4.62 4.27 6.58
N GLY A 43 4.37 4.77 7.78
CA GLY A 43 4.84 6.10 8.14
C GLY A 43 6.34 6.22 8.02
N ALA A 44 7.04 5.09 8.09
CA ALA A 44 8.49 5.08 7.97
C ALA A 44 8.93 5.76 6.69
N LEU A 45 8.16 5.55 5.63
CA LEU A 45 8.43 6.16 4.33
C LEU A 45 8.47 7.69 4.41
N LYS A 46 7.93 8.24 5.50
CA LYS A 46 7.88 9.70 5.68
C LYS A 46 6.74 10.31 4.88
N ILE A 47 5.81 9.47 4.47
CA ILE A 47 4.64 9.92 3.71
C ILE A 47 3.60 10.51 4.65
N PRO A 48 2.96 11.63 4.26
CA PRO A 48 1.95 12.30 5.06
C PRO A 48 1.06 11.32 5.83
N GLU A 49 0.74 11.66 7.07
CA GLU A 49 -0.08 10.79 7.91
C GLU A 49 -1.56 11.09 7.77
N GLN A 50 -1.94 11.69 6.65
CA GLN A 50 -3.34 12.01 6.39
C GLN A 50 -4.16 10.74 6.21
N TYR A 51 -3.53 9.71 5.67
CA TYR A 51 -4.20 8.43 5.44
C TYR A 51 -3.29 7.26 5.76
N ARG A 52 -2.30 7.51 6.62
CA ARG A 52 -1.35 6.46 7.00
C ARG A 52 -2.09 5.21 7.46
N MET A 53 -2.93 5.36 8.48
CA MET A 53 -3.71 4.24 9.00
C MET A 53 -4.51 3.59 7.88
N THR A 54 -5.26 4.39 7.14
CA THR A 54 -6.06 3.88 6.04
C THR A 54 -5.24 2.96 5.13
N ILE A 55 -4.01 3.38 4.84
CA ILE A 55 -3.14 2.59 3.99
C ILE A 55 -2.90 1.21 4.58
N TRP A 56 -2.35 1.17 5.80
CA TRP A 56 -2.09 -0.10 6.46
C TRP A 56 -3.36 -0.95 6.51
N ARG A 57 -4.44 -0.39 7.05
CA ARG A 57 -5.71 -1.10 7.15
C ARG A 57 -6.05 -1.84 5.86
N GLY A 58 -5.79 -1.18 4.73
CA GLY A 58 -6.06 -1.78 3.44
C GLY A 58 -5.04 -2.84 3.07
N LEU A 59 -3.85 -2.70 3.63
CA LEU A 59 -2.76 -3.64 3.38
C LEU A 59 -2.90 -4.89 4.26
N GLN A 60 -3.38 -4.70 5.48
CA GLN A 60 -3.56 -5.81 6.41
C GLN A 60 -4.74 -6.68 5.95
N ASP A 61 -5.68 -6.06 5.26
CA ASP A 61 -6.84 -6.78 4.74
C ASP A 61 -6.40 -7.80 3.71
N LEU A 62 -5.29 -7.53 3.04
CA LEU A 62 -4.75 -8.43 2.03
C LEU A 62 -4.27 -9.72 2.68
N LYS A 63 -3.46 -9.56 3.73
CA LYS A 63 -2.92 -10.71 4.45
C LYS A 63 -3.94 -11.25 5.45
N GLN A 64 -4.39 -10.39 6.35
CA GLN A 64 -5.37 -10.77 7.35
C GLN A 64 -4.81 -11.83 8.29
N GLY A 65 -4.77 -11.46 9.54
CA GLY A 65 -4.26 -12.36 10.57
C GLY A 65 -5.36 -12.91 11.46
N HIS A 66 -5.10 -12.94 12.77
CA HIS A 66 -6.08 -13.45 13.73
C HIS A 66 -6.22 -12.49 14.91
N ASP A 67 -7.45 -12.12 15.22
CA ASP A 67 -7.73 -11.21 16.33
C ASP A 67 -9.16 -10.72 16.28
N TYR A 68 -9.75 -10.52 17.45
CA TYR A 68 -11.12 -10.03 17.57
C TYR A 68 -11.42 -8.94 16.55
N TYR A 1 -4.83 -10.34 -23.94
CA TYR A 1 -5.06 -8.90 -24.23
C TYR A 1 -5.78 -8.22 -23.05
N HIS A 2 -5.28 -8.46 -21.85
CA HIS A 2 -5.86 -7.87 -20.65
C HIS A 2 -4.79 -7.54 -19.62
N ALA A 3 -5.13 -6.67 -18.68
CA ALA A 3 -4.19 -6.28 -17.62
C ALA A 3 -4.66 -6.80 -16.26
N ASP A 4 -3.76 -6.80 -15.28
CA ASP A 4 -4.08 -7.27 -13.95
C ASP A 4 -3.47 -6.35 -12.89
N PRO A 5 -3.71 -5.03 -13.00
CA PRO A 5 -3.19 -4.05 -12.04
C PRO A 5 -3.88 -4.15 -10.69
N SER A 6 -3.64 -5.25 -9.98
CA SER A 6 -4.25 -5.47 -8.67
C SER A 6 -3.53 -4.70 -7.57
N LEU A 7 -2.32 -4.21 -7.87
CA LEU A 7 -1.54 -3.46 -6.89
C LEU A 7 -1.82 -1.97 -6.99
N VAL A 8 -1.67 -1.42 -8.19
CA VAL A 8 -1.90 0.01 -8.42
C VAL A 8 -3.30 0.41 -7.99
N SER A 9 -4.30 -0.23 -8.57
CA SER A 9 -5.70 0.07 -8.27
C SER A 9 -5.98 -0.03 -6.77
N PHE A 10 -5.15 -0.79 -6.07
CA PHE A 10 -5.33 -0.98 -4.63
C PHE A 10 -4.63 0.11 -3.83
N LEU A 11 -3.34 0.30 -4.10
CA LEU A 11 -2.55 1.32 -3.40
C LEU A 11 -3.28 2.66 -3.40
N THR A 12 -3.69 3.09 -4.58
CA THR A 12 -4.40 4.35 -4.73
C THR A 12 -5.81 4.25 -4.16
N GLY A 13 -6.50 3.17 -4.52
CA GLY A 13 -7.86 2.96 -4.04
C GLY A 13 -7.97 3.10 -2.54
N LEU A 14 -6.91 2.71 -1.84
CA LEU A 14 -6.87 2.79 -0.39
C LEU A 14 -6.92 4.24 0.09
N GLY A 15 -6.71 5.17 -0.84
CA GLY A 15 -6.71 6.57 -0.48
C GLY A 15 -5.36 7.24 -0.74
N CYS A 16 -4.51 6.56 -1.50
CA CYS A 16 -3.19 7.11 -1.82
C CYS A 16 -3.08 7.44 -3.30
N PRO A 17 -3.92 8.36 -3.80
CA PRO A 17 -3.91 8.77 -5.21
C PRO A 17 -2.66 9.58 -5.57
N ASN A 18 -2.14 10.31 -4.60
CA ASN A 18 -0.94 11.13 -4.82
C ASN A 18 0.15 10.77 -3.81
N CYS A 19 0.03 9.58 -3.22
CA CYS A 19 1.01 9.12 -2.25
C CYS A 19 1.84 7.98 -2.82
N ILE A 20 1.26 7.25 -3.76
CA ILE A 20 1.95 6.14 -4.40
C ILE A 20 3.31 6.59 -4.94
N GLU A 21 3.38 7.85 -5.35
CA GLU A 21 4.61 8.41 -5.88
C GLU A 21 5.72 8.34 -4.83
N TYR A 22 5.38 8.70 -3.60
CA TYR A 22 6.33 8.65 -2.49
C TYR A 22 6.60 7.21 -2.10
N PHE A 23 5.60 6.36 -2.27
CA PHE A 23 5.72 4.95 -1.95
C PHE A 23 6.57 4.22 -2.98
N THR A 24 6.22 4.39 -4.26
CA THR A 24 6.96 3.75 -5.35
C THR A 24 8.46 3.98 -5.20
N SER A 25 8.82 5.16 -4.68
CA SER A 25 10.22 5.51 -4.50
C SER A 25 10.97 4.41 -3.74
N GLN A 26 10.22 3.62 -2.96
CA GLN A 26 10.81 2.54 -2.19
C GLN A 26 10.61 1.20 -2.90
N GLY A 27 9.41 0.99 -3.41
CA GLY A 27 9.10 -0.25 -4.10
C GLY A 27 7.68 -0.71 -3.84
N LEU A 28 6.74 0.22 -3.93
CA LEU A 28 5.34 -0.10 -3.68
C LEU A 28 4.59 -0.32 -5.00
N GLN A 29 5.25 -0.99 -5.94
CA GLN A 29 4.63 -1.30 -7.22
C GLN A 29 4.12 -2.73 -7.22
N SER A 30 4.72 -3.58 -6.38
CA SER A 30 4.32 -4.96 -6.27
C SER A 30 3.67 -5.21 -4.90
N ILE A 31 2.35 -5.40 -4.90
CA ILE A 31 1.63 -5.63 -3.66
C ILE A 31 2.32 -6.69 -2.80
N TYR A 32 3.05 -7.58 -3.46
CA TYR A 32 3.79 -8.62 -2.75
C TYR A 32 4.80 -8.00 -1.78
N HIS A 33 5.16 -6.75 -2.04
CA HIS A 33 6.11 -6.04 -1.18
C HIS A 33 5.41 -5.41 0.02
N LEU A 34 4.09 -5.23 -0.08
CA LEU A 34 3.32 -4.64 1.00
C LEU A 34 2.38 -5.66 1.65
N GLN A 35 2.58 -6.93 1.32
CA GLN A 35 1.75 -8.00 1.87
C GLN A 35 1.87 -8.06 3.39
N ASN A 36 2.96 -7.52 3.92
CA ASN A 36 3.20 -7.54 5.36
C ASN A 36 3.61 -6.17 5.88
N LEU A 37 3.30 -5.12 5.13
CA LEU A 37 3.64 -3.77 5.53
C LEU A 37 2.67 -3.25 6.59
N THR A 38 3.17 -2.45 7.51
CA THR A 38 2.34 -1.91 8.58
C THR A 38 2.45 -0.40 8.68
N ILE A 39 1.61 0.19 9.52
CA ILE A 39 1.66 1.62 9.76
C ILE A 39 3.04 2.01 10.28
N GLU A 40 3.62 1.09 11.04
CA GLU A 40 4.95 1.30 11.59
C GLU A 40 5.96 1.57 10.49
N ASP A 41 5.94 0.73 9.45
CA ASP A 41 6.85 0.87 8.31
C ASP A 41 6.30 1.88 7.31
N LEU A 42 5.02 2.22 7.43
CA LEU A 42 4.39 3.18 6.54
C LEU A 42 4.94 4.58 6.80
N GLY A 43 4.82 5.03 8.04
CA GLY A 43 5.32 6.33 8.40
C GLY A 43 6.83 6.43 8.24
N ALA A 44 7.50 5.28 8.24
CA ALA A 44 8.94 5.24 8.06
C ALA A 44 9.33 5.97 6.79
N LEU A 45 8.43 5.94 5.80
CA LEU A 45 8.63 6.62 4.54
C LEU A 45 8.53 8.14 4.68
N LYS A 46 8.18 8.61 5.87
CA LYS A 46 8.03 10.03 6.15
C LYS A 46 7.13 10.70 5.11
N ILE A 47 6.15 9.95 4.62
CA ILE A 47 5.19 10.47 3.66
C ILE A 47 4.07 11.21 4.40
N PRO A 48 3.63 12.37 3.88
CA PRO A 48 2.57 13.17 4.49
C PRO A 48 1.49 12.32 5.16
N GLU A 49 1.33 12.51 6.47
CA GLU A 49 0.36 11.75 7.24
C GLU A 49 -1.07 12.08 6.82
N GLN A 50 -1.43 11.68 5.61
CA GLN A 50 -2.76 11.90 5.09
C GLN A 50 -3.71 10.80 5.54
N TYR A 51 -3.44 9.60 5.07
CA TYR A 51 -4.26 8.44 5.42
C TYR A 51 -3.38 7.21 5.66
N ARG A 52 -2.21 7.45 6.26
CA ARG A 52 -1.27 6.38 6.54
C ARG A 52 -1.95 5.20 7.23
N MET A 53 -2.83 5.50 8.18
CA MET A 53 -3.55 4.47 8.91
C MET A 53 -4.39 3.64 7.94
N THR A 54 -5.17 4.32 7.11
CA THR A 54 -6.02 3.64 6.13
C THR A 54 -5.21 2.62 5.33
N ILE A 55 -4.06 3.06 4.83
CA ILE A 55 -3.19 2.19 4.05
C ILE A 55 -2.85 0.93 4.83
N TRP A 56 -2.28 1.11 6.02
CA TRP A 56 -1.92 -0.02 6.87
C TRP A 56 -3.09 -0.98 7.02
N ARG A 57 -4.19 -0.50 7.61
CA ARG A 57 -5.37 -1.32 7.82
C ARG A 57 -5.85 -1.95 6.51
N GLY A 58 -5.60 -1.25 5.40
CA GLY A 58 -6.00 -1.76 4.10
C GLY A 58 -5.03 -2.80 3.59
N LEU A 59 -3.78 -2.70 4.03
CA LEU A 59 -2.75 -3.64 3.63
C LEU A 59 -2.91 -4.96 4.38
N GLN A 60 -3.27 -4.87 5.65
CA GLN A 60 -3.48 -6.06 6.47
C GLN A 60 -4.69 -6.85 5.96
N ASP A 61 -5.60 -6.14 5.31
CA ASP A 61 -6.80 -6.77 4.76
C ASP A 61 -6.44 -7.72 3.62
N LEU A 62 -5.33 -7.42 2.96
CA LEU A 62 -4.86 -8.25 1.86
C LEU A 62 -4.53 -9.66 2.33
N LYS A 63 -3.77 -9.74 3.42
CA LYS A 63 -3.37 -11.03 4.00
C LYS A 63 -4.56 -11.98 4.10
N GLN A 64 -5.65 -11.50 4.70
CA GLN A 64 -6.85 -12.31 4.84
C GLN A 64 -8.09 -11.54 4.40
N GLY A 65 -8.59 -10.67 5.28
CA GLY A 65 -9.77 -9.89 4.95
C GLY A 65 -10.63 -9.59 6.17
N HIS A 66 -10.37 -8.45 6.81
CA HIS A 66 -11.13 -8.05 7.99
C HIS A 66 -11.99 -6.83 7.69
N ASP A 67 -13.29 -7.06 7.52
CA ASP A 67 -14.23 -5.98 7.25
C ASP A 67 -15.59 -6.55 6.85
N TYR A 68 -16.64 -5.82 7.23
CA TYR A 68 -18.02 -6.23 6.94
C TYR A 68 -18.14 -6.81 5.54
N TYR A 1 0.92 -8.63 -23.17
CA TYR A 1 0.28 -9.89 -22.69
C TYR A 1 0.18 -9.92 -21.17
N HIS A 2 1.33 -10.00 -20.52
CA HIS A 2 1.38 -10.03 -19.07
C HIS A 2 1.35 -8.62 -18.48
N ALA A 3 0.99 -8.52 -17.21
CA ALA A 3 0.91 -7.24 -16.52
C ALA A 3 0.63 -7.42 -15.04
N ASP A 4 0.76 -6.35 -14.28
CA ASP A 4 0.52 -6.41 -12.84
C ASP A 4 -0.23 -5.16 -12.36
N PRO A 5 -1.46 -4.96 -12.87
CA PRO A 5 -2.29 -3.81 -12.49
C PRO A 5 -2.91 -3.97 -11.11
N SER A 6 -3.02 -5.22 -10.66
CA SER A 6 -3.60 -5.51 -9.35
C SER A 6 -2.70 -5.00 -8.23
N LEU A 7 -2.66 -3.68 -8.07
CA LEU A 7 -1.83 -3.07 -7.03
C LEU A 7 -2.07 -1.56 -6.97
N VAL A 8 -1.82 -0.89 -8.09
CA VAL A 8 -2.02 0.56 -8.17
C VAL A 8 -3.49 0.93 -7.99
N SER A 9 -4.37 0.04 -8.45
CA SER A 9 -5.81 0.27 -8.35
C SER A 9 -6.27 0.12 -6.90
N PHE A 10 -5.52 -0.65 -6.11
CA PHE A 10 -5.86 -0.86 -4.72
C PHE A 10 -5.24 0.22 -3.84
N LEU A 11 -3.93 0.39 -3.96
CA LEU A 11 -3.22 1.41 -3.20
C LEU A 11 -3.90 2.76 -3.37
N THR A 12 -4.08 3.16 -4.62
CA THR A 12 -4.74 4.41 -4.94
C THR A 12 -6.14 4.44 -4.37
N GLY A 13 -6.91 3.38 -4.65
CA GLY A 13 -8.26 3.30 -4.14
C GLY A 13 -8.32 3.45 -2.64
N LEU A 14 -7.26 3.04 -1.97
CA LEU A 14 -7.15 3.16 -0.52
C LEU A 14 -7.25 4.63 -0.09
N GLY A 15 -7.04 5.54 -1.05
CA GLY A 15 -7.08 6.96 -0.74
C GLY A 15 -5.74 7.63 -0.96
N CYS A 16 -4.85 6.96 -1.70
CA CYS A 16 -3.53 7.51 -1.97
C CYS A 16 -3.33 7.70 -3.48
N PRO A 17 -4.14 8.55 -4.10
CA PRO A 17 -4.05 8.82 -5.54
C PRO A 17 -2.78 9.60 -5.88
N ASN A 18 -2.19 10.25 -4.89
CA ASN A 18 -0.97 11.02 -5.09
C ASN A 18 0.08 10.63 -4.04
N CYS A 19 -0.05 9.42 -3.50
CA CYS A 19 0.88 8.94 -2.49
C CYS A 19 1.68 7.75 -3.00
N ILE A 20 1.12 7.04 -3.98
CA ILE A 20 1.80 5.88 -4.54
C ILE A 20 3.22 6.23 -4.96
N GLU A 21 3.37 7.35 -5.66
CA GLU A 21 4.68 7.79 -6.11
C GLU A 21 5.66 7.83 -4.95
N TYR A 22 5.22 8.36 -3.82
CA TYR A 22 6.05 8.42 -2.63
C TYR A 22 6.35 7.02 -2.14
N PHE A 23 5.40 6.12 -2.34
CA PHE A 23 5.54 4.73 -1.96
C PHE A 23 6.40 3.98 -2.97
N THR A 24 6.37 4.45 -4.23
CA THR A 24 7.14 3.81 -5.30
C THR A 24 8.63 4.04 -5.12
N SER A 25 8.97 5.13 -4.43
CA SER A 25 10.37 5.47 -4.19
C SER A 25 11.14 4.27 -3.63
N GLN A 26 10.42 3.35 -2.99
CA GLN A 26 11.03 2.17 -2.41
C GLN A 26 10.75 0.94 -3.28
N GLY A 27 9.48 0.72 -3.59
CA GLY A 27 9.09 -0.42 -4.39
C GLY A 27 7.67 -0.88 -4.09
N LEU A 28 6.72 0.04 -4.21
CA LEU A 28 5.33 -0.27 -3.95
C LEU A 28 4.56 -0.52 -5.24
N GLN A 29 5.22 -1.19 -6.19
CA GLN A 29 4.59 -1.52 -7.46
C GLN A 29 4.10 -2.97 -7.45
N SER A 30 4.74 -3.80 -6.61
CA SER A 30 4.35 -5.19 -6.46
C SER A 30 3.70 -5.40 -5.11
N ILE A 31 2.37 -5.54 -5.09
CA ILE A 31 1.64 -5.72 -3.85
C ILE A 31 2.31 -6.74 -2.93
N TYR A 32 3.04 -7.67 -3.52
CA TYR A 32 3.76 -8.68 -2.75
C TYR A 32 4.75 -8.01 -1.79
N HIS A 33 5.12 -6.76 -2.10
CA HIS A 33 6.06 -6.02 -1.25
C HIS A 33 5.33 -5.36 -0.09
N LEU A 34 4.04 -5.13 -0.26
CA LEU A 34 3.23 -4.50 0.79
C LEU A 34 2.31 -5.50 1.47
N GLN A 35 2.61 -6.79 1.29
CA GLN A 35 1.80 -7.84 1.89
C GLN A 35 2.05 -7.94 3.39
N ASN A 36 3.18 -7.41 3.85
CA ASN A 36 3.52 -7.44 5.26
C ASN A 36 3.91 -6.06 5.77
N LEU A 37 3.50 -5.02 5.05
CA LEU A 37 3.80 -3.65 5.44
C LEU A 37 2.78 -3.12 6.45
N THR A 38 3.28 -2.75 7.62
CA THR A 38 2.42 -2.22 8.68
C THR A 38 2.47 -0.71 8.73
N ILE A 39 1.67 -0.14 9.62
CA ILE A 39 1.64 1.29 9.82
C ILE A 39 2.99 1.76 10.37
N GLU A 40 3.62 0.88 11.14
CA GLU A 40 4.94 1.14 11.70
C GLU A 40 5.92 1.48 10.59
N ASP A 41 5.85 0.72 9.50
CA ASP A 41 6.72 0.94 8.36
C ASP A 41 6.13 2.00 7.42
N LEU A 42 4.80 2.06 7.36
CA LEU A 42 4.13 3.02 6.52
C LEU A 42 4.60 4.43 6.83
N GLY A 43 4.53 4.79 8.11
CA GLY A 43 4.97 6.11 8.54
C GLY A 43 6.49 6.26 8.46
N ALA A 44 7.19 5.14 8.38
CA ALA A 44 8.65 5.15 8.28
C ALA A 44 9.10 5.86 7.01
N LEU A 45 8.44 5.53 5.90
CA LEU A 45 8.74 6.14 4.61
C LEU A 45 8.91 7.65 4.73
N LYS A 46 8.25 8.22 5.72
CA LYS A 46 8.26 9.67 5.99
C LYS A 46 7.19 10.39 5.19
N ILE A 47 6.21 9.63 4.71
CA ILE A 47 5.10 10.20 3.95
C ILE A 47 4.09 10.85 4.90
N PRO A 48 3.57 12.03 4.53
CA PRO A 48 2.59 12.74 5.36
C PRO A 48 1.56 11.81 5.99
N GLU A 49 1.14 12.12 7.21
CA GLU A 49 0.16 11.30 7.91
C GLU A 49 -1.25 11.67 7.49
N GLN A 50 -1.51 11.63 6.19
CA GLN A 50 -2.83 11.95 5.66
C GLN A 50 -3.73 10.72 5.69
N TYR A 51 -3.20 9.58 5.27
CA TYR A 51 -3.96 8.35 5.25
C TYR A 51 -3.09 7.17 5.70
N ARG A 52 -2.10 7.46 6.55
CA ARG A 52 -1.19 6.43 7.06
C ARG A 52 -1.97 5.19 7.51
N MET A 53 -2.83 5.38 8.51
CA MET A 53 -3.63 4.28 9.04
C MET A 53 -4.44 3.61 7.93
N THR A 54 -5.10 4.43 7.13
CA THR A 54 -5.92 3.92 6.02
C THR A 54 -5.09 3.01 5.11
N ILE A 55 -3.85 3.38 4.88
CA ILE A 55 -2.97 2.59 4.03
C ILE A 55 -2.71 1.22 4.64
N TRP A 56 -2.20 1.18 5.88
CA TRP A 56 -1.95 -0.09 6.54
C TRP A 56 -3.22 -0.93 6.60
N ARG A 57 -4.24 -0.42 7.28
CA ARG A 57 -5.51 -1.14 7.42
C ARG A 57 -5.97 -1.72 6.08
N GLY A 58 -5.66 -1.00 4.99
CA GLY A 58 -6.03 -1.48 3.67
C GLY A 58 -5.09 -2.56 3.18
N LEU A 59 -3.86 -2.51 3.67
CA LEU A 59 -2.84 -3.50 3.32
C LEU A 59 -3.04 -4.78 4.12
N GLN A 60 -3.30 -4.63 5.41
CA GLN A 60 -3.52 -5.78 6.29
C GLN A 60 -4.71 -6.59 5.80
N ASP A 61 -5.63 -5.91 5.12
CA ASP A 61 -6.81 -6.57 4.56
C ASP A 61 -6.40 -7.66 3.58
N LEU A 62 -5.27 -7.44 2.92
CA LEU A 62 -4.74 -8.41 1.96
C LEU A 62 -4.23 -9.65 2.67
N LYS A 63 -3.40 -9.44 3.68
CA LYS A 63 -2.83 -10.54 4.46
C LYS A 63 -3.89 -11.17 5.35
N GLN A 64 -4.43 -10.38 6.28
CA GLN A 64 -5.45 -10.85 7.20
C GLN A 64 -6.72 -11.24 6.45
N GLY A 65 -7.55 -10.25 6.15
CA GLY A 65 -8.79 -10.50 5.43
C GLY A 65 -9.91 -9.60 5.88
N HIS A 66 -11.12 -9.90 5.43
CA HIS A 66 -12.30 -9.10 5.79
C HIS A 66 -13.31 -9.93 6.56
N ASP A 67 -14.41 -9.31 6.94
CA ASP A 67 -15.47 -10.00 7.68
C ASP A 67 -16.69 -9.11 7.84
N TYR A 68 -17.85 -9.63 7.43
CA TYR A 68 -19.10 -8.90 7.54
C TYR A 68 -18.97 -7.51 6.92
N TYR A 1 4.44 -11.29 -11.52
CA TYR A 1 4.06 -12.70 -11.77
C TYR A 1 2.61 -12.95 -11.39
N HIS A 2 2.23 -12.49 -10.20
CA HIS A 2 0.87 -12.66 -9.71
C HIS A 2 0.07 -11.37 -9.87
N ALA A 3 -0.26 -11.03 -11.11
CA ALA A 3 -1.02 -9.82 -11.39
C ALA A 3 -0.23 -8.58 -10.99
N ASP A 4 0.15 -7.77 -11.98
CA ASP A 4 0.89 -6.54 -11.73
C ASP A 4 -0.05 -5.38 -11.46
N PRO A 5 -1.00 -5.13 -12.37
CA PRO A 5 -1.96 -4.03 -12.23
C PRO A 5 -2.71 -4.09 -10.91
N SER A 6 -2.75 -5.28 -10.31
CA SER A 6 -3.45 -5.48 -9.04
C SER A 6 -2.64 -4.86 -7.90
N LEU A 7 -2.45 -3.55 -7.96
CA LEU A 7 -1.70 -2.85 -6.92
C LEU A 7 -1.98 -1.35 -6.97
N VAL A 8 -1.41 -0.69 -7.98
CA VAL A 8 -1.60 0.75 -8.15
C VAL A 8 -3.07 1.12 -8.07
N SER A 9 -3.91 0.32 -8.72
CA SER A 9 -5.35 0.57 -8.74
C SER A 9 -5.96 0.37 -7.35
N PHE A 10 -5.33 -0.48 -6.54
CA PHE A 10 -5.82 -0.76 -5.20
C PHE A 10 -5.35 0.33 -4.22
N LEU A 11 -4.04 0.54 -4.16
CA LEU A 11 -3.47 1.55 -3.28
C LEU A 11 -4.22 2.87 -3.44
N THR A 12 -4.28 3.36 -4.66
CA THR A 12 -4.98 4.60 -4.96
C THR A 12 -6.41 4.53 -4.42
N GLY A 13 -7.12 3.48 -4.79
CA GLY A 13 -8.49 3.29 -4.34
C GLY A 13 -8.61 3.37 -2.83
N LEU A 14 -7.55 2.93 -2.16
CA LEU A 14 -7.50 2.96 -0.71
C LEU A 14 -7.72 4.38 -0.18
N GLY A 15 -7.50 5.36 -1.04
CA GLY A 15 -7.66 6.75 -0.63
C GLY A 15 -6.37 7.52 -0.72
N CYS A 16 -5.41 7.01 -1.49
CA CYS A 16 -4.12 7.67 -1.64
C CYS A 16 -3.68 7.71 -3.11
N PRO A 17 -4.42 8.45 -3.95
CA PRO A 17 -4.11 8.56 -5.38
C PRO A 17 -2.87 9.40 -5.65
N ASN A 18 -2.36 10.06 -4.62
CA ASN A 18 -1.17 10.89 -4.76
C ASN A 18 -0.10 10.50 -3.73
N CYS A 19 -0.26 9.32 -3.14
CA CYS A 19 0.69 8.85 -2.14
C CYS A 19 1.45 7.62 -2.65
N ILE A 20 0.86 6.92 -3.61
CA ILE A 20 1.48 5.74 -4.17
C ILE A 20 2.88 6.05 -4.67
N GLU A 21 3.08 7.25 -5.20
CA GLU A 21 4.36 7.66 -5.71
C GLU A 21 5.37 7.77 -4.57
N TYR A 22 4.92 8.32 -3.45
CA TYR A 22 5.78 8.45 -2.27
C TYR A 22 6.15 7.07 -1.77
N PHE A 23 5.28 6.09 -2.04
CA PHE A 23 5.51 4.72 -1.62
C PHE A 23 6.25 3.92 -2.69
N THR A 24 5.96 4.19 -3.96
CA THR A 24 6.58 3.45 -5.05
C THR A 24 8.06 3.84 -5.20
N SER A 25 8.46 4.95 -4.59
CA SER A 25 9.85 5.39 -4.64
C SER A 25 10.76 4.35 -4.00
N GLN A 26 10.20 3.52 -3.12
CA GLN A 26 10.96 2.48 -2.44
C GLN A 26 10.75 1.13 -3.11
N GLY A 27 9.48 0.70 -3.18
CA GLY A 27 9.16 -0.57 -3.79
C GLY A 27 7.72 -0.99 -3.54
N LEU A 28 6.81 -0.03 -3.60
CA LEU A 28 5.40 -0.29 -3.36
C LEU A 28 4.63 -0.41 -4.68
N GLN A 29 5.26 -1.01 -5.68
CA GLN A 29 4.61 -1.19 -6.97
C GLN A 29 4.08 -2.62 -7.09
N SER A 30 4.75 -3.55 -6.42
CA SER A 30 4.31 -4.94 -6.40
C SER A 30 3.66 -5.26 -5.07
N ILE A 31 2.34 -5.43 -5.09
CA ILE A 31 1.59 -5.69 -3.87
C ILE A 31 2.29 -6.72 -2.97
N TYR A 32 3.03 -7.63 -3.60
CA TYR A 32 3.76 -8.64 -2.86
C TYR A 32 4.70 -7.99 -1.86
N HIS A 33 5.05 -6.73 -2.10
CA HIS A 33 5.96 -5.99 -1.22
C HIS A 33 5.21 -5.36 -0.05
N LEU A 34 3.92 -5.07 -0.25
CA LEU A 34 3.11 -4.47 0.81
C LEU A 34 2.29 -5.53 1.54
N GLN A 35 2.65 -6.79 1.33
CA GLN A 35 1.97 -7.90 1.96
C GLN A 35 2.10 -7.86 3.47
N ASN A 36 3.27 -7.44 3.91
CA ASN A 36 3.59 -7.41 5.33
C ASN A 36 3.69 -5.99 5.87
N LEU A 37 3.78 -5.03 4.97
CA LEU A 37 3.89 -3.62 5.35
C LEU A 37 2.90 -3.27 6.46
N THR A 38 3.33 -2.36 7.35
CA THR A 38 2.49 -1.94 8.46
C THR A 38 2.49 -0.42 8.60
N ILE A 39 1.67 0.08 9.50
CA ILE A 39 1.63 1.51 9.78
C ILE A 39 2.97 1.94 10.34
N GLU A 40 3.59 1.06 11.11
CA GLU A 40 4.88 1.34 11.71
C GLU A 40 5.93 1.55 10.62
N ASP A 41 5.83 0.77 9.55
CA ASP A 41 6.75 0.89 8.43
C ASP A 41 6.27 1.97 7.47
N LEU A 42 4.96 2.19 7.44
CA LEU A 42 4.36 3.21 6.59
C LEU A 42 4.97 4.57 6.87
N GLY A 43 4.84 5.01 8.11
CA GLY A 43 5.42 6.28 8.51
C GLY A 43 6.93 6.30 8.38
N ALA A 44 7.52 5.10 8.34
CA ALA A 44 8.96 4.99 8.20
C ALA A 44 9.43 5.70 6.94
N LEU A 45 8.61 5.64 5.90
CA LEU A 45 8.92 6.28 4.64
C LEU A 45 9.06 7.80 4.80
N LYS A 46 8.58 8.32 5.93
CA LYS A 46 8.65 9.76 6.21
C LYS A 46 7.64 10.52 5.36
N ILE A 47 6.66 9.81 4.83
CA ILE A 47 5.61 10.43 4.02
C ILE A 47 4.56 11.10 4.91
N PRO A 48 4.10 12.30 4.53
CA PRO A 48 3.10 13.05 5.30
C PRO A 48 1.96 12.15 5.76
N GLU A 49 1.55 12.30 7.02
CA GLU A 49 0.47 11.51 7.58
C GLU A 49 -0.87 11.86 6.95
N GLN A 50 -0.98 11.63 5.64
CA GLN A 50 -2.22 11.91 4.92
C GLN A 50 -3.18 10.74 5.02
N TYR A 51 -2.72 9.57 4.57
CA TYR A 51 -3.55 8.36 4.61
C TYR A 51 -2.70 7.16 5.02
N ARG A 52 -1.77 7.38 5.93
CA ARG A 52 -0.90 6.31 6.41
C ARG A 52 -1.71 5.15 6.97
N MET A 53 -2.43 5.41 8.05
CA MET A 53 -3.25 4.38 8.69
C MET A 53 -4.17 3.72 7.67
N THR A 54 -4.77 4.53 6.81
CA THR A 54 -5.68 4.02 5.78
C THR A 54 -5.01 2.92 4.97
N ILE A 55 -3.79 3.19 4.51
CA ILE A 55 -3.04 2.22 3.72
C ILE A 55 -2.75 0.96 4.52
N TRP A 56 -2.34 1.14 5.77
CA TRP A 56 -2.04 0.01 6.65
C TRP A 56 -3.26 -0.90 6.76
N ARG A 57 -4.39 -0.33 7.17
CA ARG A 57 -5.62 -1.10 7.32
C ARG A 57 -6.03 -1.75 6.00
N GLY A 58 -5.69 -1.10 4.90
CA GLY A 58 -6.02 -1.64 3.59
C GLY A 58 -5.04 -2.73 3.18
N LEU A 59 -3.83 -2.66 3.71
CA LEU A 59 -2.80 -3.64 3.40
C LEU A 59 -3.00 -4.88 4.26
N GLN A 60 -3.33 -4.69 5.53
CA GLN A 60 -3.57 -5.79 6.44
C GLN A 60 -4.76 -6.62 5.97
N ASP A 61 -5.67 -5.97 5.27
CA ASP A 61 -6.85 -6.65 4.75
C ASP A 61 -6.45 -7.72 3.74
N LEU A 62 -5.34 -7.48 3.04
CA LEU A 62 -4.83 -8.43 2.06
C LEU A 62 -4.38 -9.72 2.73
N LYS A 63 -3.54 -9.58 3.76
CA LYS A 63 -3.04 -10.72 4.49
C LYS A 63 -4.17 -11.58 5.04
N GLN A 64 -5.17 -10.92 5.62
CA GLN A 64 -6.33 -11.62 6.20
C GLN A 64 -6.86 -12.66 5.22
N GLY A 65 -6.99 -12.28 3.95
CA GLY A 65 -7.49 -13.19 2.95
C GLY A 65 -8.77 -12.70 2.29
N HIS A 66 -9.47 -11.80 2.97
CA HIS A 66 -10.71 -11.24 2.44
C HIS A 66 -10.48 -9.87 1.84
N ASP A 67 -11.11 -9.63 0.68
CA ASP A 67 -10.97 -8.35 -0.01
C ASP A 67 -11.67 -8.39 -1.36
N TYR A 68 -12.46 -7.36 -1.63
CA TYR A 68 -13.19 -7.26 -2.90
C TYR A 68 -14.00 -8.52 -3.15
N TYR A 1 -5.36 -13.10 -18.78
CA TYR A 1 -5.04 -13.82 -17.52
C TYR A 1 -4.41 -12.89 -16.49
N HIS A 2 -5.14 -12.64 -15.41
CA HIS A 2 -4.66 -11.75 -14.35
C HIS A 2 -4.61 -10.30 -14.83
N ALA A 3 -4.10 -9.42 -13.98
CA ALA A 3 -3.99 -8.01 -14.32
C ALA A 3 -2.65 -7.44 -13.87
N ASP A 4 -2.04 -6.64 -14.75
CA ASP A 4 -0.75 -6.02 -14.44
C ASP A 4 -0.87 -5.03 -13.29
N PRO A 5 -1.84 -4.10 -13.36
CA PRO A 5 -2.06 -3.10 -12.33
C PRO A 5 -2.91 -3.62 -11.18
N SER A 6 -2.44 -4.69 -10.54
CA SER A 6 -3.17 -5.30 -9.43
C SER A 6 -2.95 -4.52 -8.14
N LEU A 7 -1.79 -3.87 -8.03
CA LEU A 7 -1.47 -3.08 -6.84
C LEU A 7 -1.93 -1.64 -7.00
N VAL A 8 -1.38 -0.96 -8.01
CA VAL A 8 -1.72 0.45 -8.26
C VAL A 8 -3.22 0.70 -8.13
N SER A 9 -4.02 -0.27 -8.55
CA SER A 9 -5.48 -0.15 -8.49
C SER A 9 -5.94 0.10 -7.06
N PHE A 10 -5.48 -0.75 -6.14
CA PHE A 10 -5.86 -0.63 -4.74
C PHE A 10 -5.08 0.47 -4.05
N LEU A 11 -3.81 0.61 -4.39
CA LEU A 11 -2.95 1.63 -3.80
C LEU A 11 -3.64 2.98 -3.79
N THR A 12 -4.04 3.44 -4.97
CA THR A 12 -4.72 4.72 -5.09
C THR A 12 -6.13 4.65 -4.53
N GLY A 13 -6.88 3.63 -4.96
CA GLY A 13 -8.24 3.46 -4.49
C GLY A 13 -8.34 3.52 -2.98
N LEU A 14 -7.27 3.10 -2.31
CA LEU A 14 -7.23 3.12 -0.85
C LEU A 14 -7.44 4.53 -0.31
N GLY A 15 -7.25 5.52 -1.17
CA GLY A 15 -7.41 6.91 -0.75
C GLY A 15 -6.11 7.69 -0.86
N CYS A 16 -5.13 7.15 -1.59
CA CYS A 16 -3.85 7.81 -1.77
C CYS A 16 -3.55 8.03 -3.25
N PRO A 17 -4.25 8.97 -3.89
CA PRO A 17 -4.05 9.27 -5.32
C PRO A 17 -2.90 10.23 -5.57
N ASN A 18 -2.14 10.55 -4.53
CA ASN A 18 -1.01 11.46 -4.67
C ASN A 18 0.13 11.08 -3.73
N CYS A 19 0.11 9.85 -3.23
CA CYS A 19 1.15 9.38 -2.32
C CYS A 19 1.90 8.19 -2.91
N ILE A 20 1.28 7.51 -3.87
CA ILE A 20 1.90 6.35 -4.51
C ILE A 20 3.32 6.68 -4.97
N GLU A 21 3.50 7.89 -5.49
CA GLU A 21 4.81 8.34 -5.95
C GLU A 21 5.86 8.12 -4.87
N TYR A 22 5.53 8.53 -3.65
CA TYR A 22 6.44 8.36 -2.52
C TYR A 22 6.56 6.89 -2.15
N PHE A 23 5.44 6.18 -2.20
CA PHE A 23 5.43 4.76 -1.91
C PHE A 23 6.28 3.99 -2.91
N THR A 24 5.99 4.17 -4.19
CA THR A 24 6.73 3.50 -5.25
C THR A 24 8.23 3.72 -5.09
N SER A 25 8.60 4.88 -4.52
CA SER A 25 10.00 5.21 -4.30
C SER A 25 10.74 4.07 -3.61
N GLN A 26 10.00 3.27 -2.86
CA GLN A 26 10.58 2.14 -2.13
C GLN A 26 10.33 0.83 -2.87
N GLY A 27 9.09 0.64 -3.32
CA GLY A 27 8.73 -0.58 -4.02
C GLY A 27 7.30 -0.98 -3.78
N LEU A 28 6.40 -0.01 -3.85
CA LEU A 28 4.98 -0.27 -3.62
C LEU A 28 4.24 -0.41 -4.95
N GLN A 29 4.84 -1.15 -5.87
CA GLN A 29 4.22 -1.42 -7.17
C GLN A 29 3.75 -2.87 -7.25
N SER A 30 4.31 -3.71 -6.37
CA SER A 30 3.93 -5.12 -6.32
C SER A 30 3.42 -5.45 -4.92
N ILE A 31 2.09 -5.56 -4.79
CA ILE A 31 1.47 -5.82 -3.50
C ILE A 31 2.25 -6.84 -2.67
N TYR A 32 2.90 -7.78 -3.35
CA TYR A 32 3.70 -8.79 -2.67
C TYR A 32 4.75 -8.14 -1.77
N HIS A 33 5.08 -6.89 -2.07
CA HIS A 33 6.09 -6.15 -1.29
C HIS A 33 5.45 -5.50 -0.07
N LEU A 34 4.15 -5.25 -0.14
CA LEU A 34 3.43 -4.65 0.98
C LEU A 34 2.60 -5.70 1.72
N GLN A 35 2.92 -6.97 1.48
CA GLN A 35 2.24 -8.09 2.09
C GLN A 35 2.34 -8.05 3.61
N ASN A 36 3.51 -7.68 4.07
CA ASN A 36 3.80 -7.66 5.50
C ASN A 36 3.87 -6.24 6.04
N LEU A 37 4.08 -5.29 5.14
CA LEU A 37 4.17 -3.88 5.51
C LEU A 37 3.04 -3.49 6.48
N THR A 38 3.32 -2.51 7.33
CA THR A 38 2.33 -2.04 8.31
C THR A 38 2.38 -0.53 8.45
N ILE A 39 1.47 0.00 9.27
CA ILE A 39 1.47 1.42 9.56
C ILE A 39 2.80 1.82 10.17
N GLU A 40 3.36 0.91 10.94
CA GLU A 40 4.66 1.14 11.57
C GLU A 40 5.72 1.41 10.51
N ASP A 41 5.63 0.68 9.40
CA ASP A 41 6.57 0.86 8.29
C ASP A 41 6.10 1.98 7.37
N LEU A 42 4.78 2.11 7.24
CA LEU A 42 4.19 3.14 6.39
C LEU A 42 4.75 4.51 6.77
N GLY A 43 4.71 4.83 8.06
CA GLY A 43 5.22 6.09 8.53
C GLY A 43 6.72 6.21 8.34
N ALA A 44 7.39 5.07 8.21
CA ALA A 44 8.83 5.04 8.01
C ALA A 44 9.19 5.71 6.68
N LEU A 45 8.26 5.67 5.73
CA LEU A 45 8.47 6.27 4.42
C LEU A 45 8.68 7.78 4.54
N LYS A 46 8.35 8.36 5.69
CA LYS A 46 8.51 9.80 5.92
C LYS A 46 7.47 10.59 5.14
N ILE A 47 6.42 9.92 4.70
CA ILE A 47 5.35 10.56 3.95
C ILE A 47 4.31 11.16 4.90
N PRO A 48 3.82 12.39 4.59
CA PRO A 48 2.82 13.06 5.42
C PRO A 48 1.70 12.11 5.85
N GLU A 49 1.40 12.12 7.14
CA GLU A 49 0.35 11.27 7.69
C GLU A 49 -1.03 11.70 7.20
N GLN A 50 -1.25 11.59 5.90
CA GLN A 50 -2.53 11.95 5.31
C GLN A 50 -3.51 10.79 5.39
N TYR A 51 -3.08 9.63 4.92
CA TYR A 51 -3.92 8.43 4.95
C TYR A 51 -3.10 7.20 5.31
N ARG A 52 -2.00 7.42 6.02
CA ARG A 52 -1.12 6.34 6.43
C ARG A 52 -1.91 5.20 7.07
N MET A 53 -2.78 5.54 8.01
CA MET A 53 -3.60 4.55 8.69
C MET A 53 -4.42 3.73 7.69
N THR A 54 -5.22 4.42 6.88
CA THR A 54 -6.04 3.76 5.87
C THR A 54 -5.21 2.79 5.05
N ILE A 55 -4.03 3.23 4.64
CA ILE A 55 -3.14 2.39 3.85
C ILE A 55 -2.82 1.09 4.57
N TRP A 56 -2.32 1.20 5.80
CA TRP A 56 -1.99 0.03 6.60
C TRP A 56 -3.19 -0.91 6.68
N ARG A 57 -4.34 -0.36 7.03
CA ARG A 57 -5.57 -1.16 7.14
C ARG A 57 -5.77 -2.02 5.89
N GLY A 58 -5.74 -1.38 4.73
CA GLY A 58 -5.89 -2.10 3.49
C GLY A 58 -4.89 -3.22 3.35
N LEU A 59 -3.66 -2.96 3.76
CA LEU A 59 -2.59 -3.95 3.69
C LEU A 59 -2.90 -5.11 4.63
N GLN A 60 -3.61 -4.81 5.71
CA GLN A 60 -3.97 -5.83 6.68
C GLN A 60 -5.09 -6.71 6.13
N ASP A 61 -5.90 -6.14 5.25
CA ASP A 61 -7.00 -6.86 4.62
C ASP A 61 -6.48 -7.96 3.70
N LEU A 62 -5.27 -7.75 3.19
CA LEU A 62 -4.64 -8.73 2.30
C LEU A 62 -4.06 -9.89 3.09
N LYS A 63 -3.32 -9.57 4.14
CA LYS A 63 -2.70 -10.61 4.97
C LYS A 63 -3.74 -11.49 5.64
N GLN A 64 -4.81 -10.87 6.15
CA GLN A 64 -5.87 -11.61 6.81
C GLN A 64 -6.61 -12.50 5.82
N GLY A 65 -6.86 -12.00 4.63
CA GLY A 65 -7.55 -12.77 3.62
C GLY A 65 -7.33 -12.24 2.21
N HIS A 66 -7.72 -13.04 1.22
CA HIS A 66 -7.57 -12.66 -0.17
C HIS A 66 -8.93 -12.46 -0.83
N ASP A 67 -8.95 -11.72 -1.93
CA ASP A 67 -10.19 -11.45 -2.65
C ASP A 67 -9.96 -10.47 -3.80
N TYR A 68 -10.44 -10.84 -4.99
CA TYR A 68 -10.31 -10.00 -6.16
C TYR A 68 -8.86 -9.55 -6.35
N TYR A 1 6.22 -7.77 -20.48
CA TYR A 1 5.76 -8.33 -19.19
C TYR A 1 4.34 -7.89 -18.86
N HIS A 2 3.52 -8.84 -18.43
CA HIS A 2 2.13 -8.55 -18.09
C HIS A 2 2.05 -7.54 -16.95
N ALA A 3 1.13 -6.60 -17.07
CA ALA A 3 0.94 -5.58 -16.05
C ALA A 3 0.26 -6.14 -14.82
N ASP A 4 0.31 -5.40 -13.71
CA ASP A 4 -0.29 -5.84 -12.47
C ASP A 4 -1.10 -4.72 -11.83
N PRO A 5 -2.18 -4.27 -12.51
CA PRO A 5 -3.04 -3.20 -12.02
C PRO A 5 -3.60 -3.49 -10.62
N SER A 6 -3.62 -4.78 -10.27
CA SER A 6 -4.14 -5.21 -8.97
C SER A 6 -3.55 -4.37 -7.84
N LEU A 7 -2.26 -4.05 -7.93
CA LEU A 7 -1.58 -3.27 -6.91
C LEU A 7 -1.97 -1.79 -7.00
N VAL A 8 -1.60 -1.15 -8.09
CA VAL A 8 -1.90 0.26 -8.29
C VAL A 8 -3.39 0.54 -8.09
N SER A 9 -4.23 -0.41 -8.49
CA SER A 9 -5.68 -0.25 -8.37
C SER A 9 -6.10 -0.13 -6.90
N PHE A 10 -5.37 -0.83 -6.04
CA PHE A 10 -5.69 -0.80 -4.60
C PHE A 10 -4.95 0.33 -3.91
N LEU A 11 -3.65 0.44 -4.17
CA LEU A 11 -2.82 1.48 -3.56
C LEU A 11 -3.50 2.85 -3.66
N THR A 12 -3.88 3.21 -4.89
CA THR A 12 -4.54 4.49 -5.14
C THR A 12 -5.99 4.45 -4.65
N GLY A 13 -6.70 3.39 -5.02
CA GLY A 13 -8.09 3.25 -4.61
C GLY A 13 -8.25 3.40 -3.11
N LEU A 14 -7.22 3.02 -2.38
CA LEU A 14 -7.23 3.12 -0.93
C LEU A 14 -7.43 4.56 -0.47
N GLY A 15 -7.21 5.50 -1.38
CA GLY A 15 -7.35 6.90 -1.05
C GLY A 15 -6.03 7.64 -1.12
N CYS A 16 -5.07 7.07 -1.84
CA CYS A 16 -3.75 7.69 -2.00
C CYS A 16 -3.38 7.82 -3.46
N PRO A 17 -4.00 8.75 -4.19
CA PRO A 17 -3.73 8.98 -5.61
C PRO A 17 -2.53 9.90 -5.84
N ASN A 18 -1.91 10.37 -4.76
CA ASN A 18 -0.77 11.26 -4.88
C ASN A 18 0.36 10.87 -3.92
N CYS A 19 0.26 9.66 -3.34
CA CYS A 19 1.26 9.19 -2.41
C CYS A 19 1.97 7.94 -2.94
N ILE A 20 1.33 7.25 -3.88
CA ILE A 20 1.91 6.04 -4.45
C ILE A 20 3.34 6.30 -4.94
N GLU A 21 3.60 7.54 -5.32
CA GLU A 21 4.93 7.92 -5.78
C GLU A 21 5.92 7.90 -4.64
N TYR A 22 5.49 8.41 -3.50
CA TYR A 22 6.32 8.43 -2.31
C TYR A 22 6.52 7.01 -1.79
N PHE A 23 5.57 6.13 -2.12
CA PHE A 23 5.64 4.74 -1.70
C PHE A 23 6.34 3.89 -2.75
N THR A 24 6.18 4.26 -4.02
CA THR A 24 6.81 3.52 -5.10
C THR A 24 8.34 3.71 -5.08
N SER A 25 8.80 4.66 -4.27
CA SER A 25 10.23 4.96 -4.17
C SER A 25 10.99 3.83 -3.47
N GLN A 26 10.29 2.99 -2.73
CA GLN A 26 10.95 1.88 -2.02
C GLN A 26 10.54 0.54 -2.59
N GLY A 27 9.40 0.49 -3.29
CA GLY A 27 8.97 -0.75 -3.91
C GLY A 27 7.52 -1.08 -3.63
N LEU A 28 6.63 -0.13 -3.88
CA LEU A 28 5.21 -0.35 -3.67
C LEU A 28 4.46 -0.43 -5.00
N GLN A 29 5.10 -1.04 -5.98
CA GLN A 29 4.48 -1.21 -7.30
C GLN A 29 3.91 -2.63 -7.42
N SER A 30 4.55 -3.56 -6.73
CA SER A 30 4.09 -4.95 -6.69
C SER A 30 3.59 -5.29 -5.31
N ILE A 31 2.28 -5.45 -5.17
CA ILE A 31 1.67 -5.74 -3.87
C ILE A 31 2.46 -6.80 -3.10
N TYR A 32 3.14 -7.67 -3.83
CA TYR A 32 3.95 -8.71 -3.21
C TYR A 32 5.03 -8.11 -2.33
N HIS A 33 5.36 -6.84 -2.59
CA HIS A 33 6.37 -6.15 -1.80
C HIS A 33 5.77 -5.54 -0.54
N LEU A 34 4.45 -5.38 -0.52
CA LEU A 34 3.76 -4.82 0.63
C LEU A 34 2.90 -5.86 1.33
N GLN A 35 3.11 -7.14 1.00
CA GLN A 35 2.36 -8.22 1.61
C GLN A 35 2.60 -8.28 3.11
N ASN A 36 3.72 -7.74 3.55
CA ASN A 36 4.07 -7.73 4.96
C ASN A 36 4.35 -6.32 5.47
N LEU A 37 3.91 -5.32 4.70
CA LEU A 37 4.11 -3.93 5.09
C LEU A 37 3.01 -3.46 6.02
N THR A 38 3.38 -2.68 7.03
CA THR A 38 2.42 -2.16 8.00
C THR A 38 2.55 -0.66 8.15
N ILE A 39 1.72 -0.09 9.01
CA ILE A 39 1.81 1.33 9.29
C ILE A 39 3.20 1.65 9.82
N GLU A 40 3.75 0.68 10.55
CA GLU A 40 5.09 0.82 11.09
C GLU A 40 6.07 1.18 9.98
N ASP A 41 5.92 0.50 8.84
CA ASP A 41 6.78 0.76 7.69
C ASP A 41 6.26 1.94 6.88
N LEU A 42 4.94 2.15 6.91
CA LEU A 42 4.33 3.27 6.21
C LEU A 42 4.75 4.57 6.86
N GLY A 43 4.86 4.54 8.20
CA GLY A 43 5.29 5.70 8.93
C GLY A 43 6.80 5.88 8.90
N ALA A 44 7.49 5.00 8.17
CA ALA A 44 8.93 5.10 8.02
C ALA A 44 9.26 6.05 6.89
N LEU A 45 8.49 5.94 5.81
CA LEU A 45 8.65 6.79 4.66
C LEU A 45 8.39 8.26 5.00
N LYS A 46 7.82 8.52 6.17
CA LYS A 46 7.53 9.87 6.60
C LYS A 46 6.37 10.47 5.81
N ILE A 47 5.64 9.60 5.12
CA ILE A 47 4.48 10.02 4.34
C ILE A 47 3.43 10.66 5.24
N PRO A 48 2.81 11.76 4.79
CA PRO A 48 1.79 12.48 5.55
C PRO A 48 0.89 11.54 6.35
N GLU A 49 0.33 12.06 7.44
CA GLU A 49 -0.54 11.26 8.31
C GLU A 49 -2.01 11.41 7.92
N GLN A 50 -2.24 11.80 6.67
CA GLN A 50 -3.61 11.99 6.17
C GLN A 50 -4.19 10.66 5.69
N TYR A 51 -3.34 9.80 5.15
CA TYR A 51 -3.78 8.50 4.65
C TYR A 51 -2.84 7.39 5.09
N ARG A 52 -1.94 7.68 6.02
CA ARG A 52 -0.99 6.69 6.52
C ARG A 52 -1.72 5.44 7.00
N MET A 53 -2.47 5.59 8.10
CA MET A 53 -3.23 4.47 8.66
C MET A 53 -4.12 3.84 7.60
N THR A 54 -4.76 4.67 6.79
CA THR A 54 -5.64 4.18 5.73
C THR A 54 -4.91 3.14 4.88
N ILE A 55 -3.71 3.51 4.42
CA ILE A 55 -2.91 2.60 3.59
C ILE A 55 -2.68 1.28 4.32
N TRP A 56 -2.09 1.37 5.51
CA TRP A 56 -1.83 0.18 6.32
C TRP A 56 -3.08 -0.69 6.44
N ARG A 57 -4.17 -0.08 6.90
CA ARG A 57 -5.44 -0.79 7.06
C ARG A 57 -5.82 -1.52 5.77
N GLY A 58 -5.44 -0.94 4.63
CA GLY A 58 -5.72 -1.55 3.35
C GLY A 58 -4.77 -2.68 3.04
N LEU A 59 -3.58 -2.61 3.63
CA LEU A 59 -2.56 -3.64 3.43
C LEU A 59 -2.84 -4.84 4.33
N GLN A 60 -3.26 -4.57 5.57
CA GLN A 60 -3.59 -5.63 6.50
C GLN A 60 -4.77 -6.44 5.99
N ASP A 61 -5.62 -5.78 5.20
CA ASP A 61 -6.77 -6.43 4.61
C ASP A 61 -6.34 -7.66 3.82
N LEU A 62 -5.19 -7.54 3.15
CA LEU A 62 -4.64 -8.64 2.38
C LEU A 62 -4.34 -9.83 3.27
N LYS A 63 -3.71 -9.55 4.41
CA LYS A 63 -3.38 -10.58 5.38
C LYS A 63 -4.46 -10.70 6.45
N GLN A 64 -5.70 -10.54 6.03
CA GLN A 64 -6.83 -10.63 6.95
C GLN A 64 -6.76 -11.90 7.79
N GLY A 65 -6.37 -13.00 7.16
CA GLY A 65 -6.27 -14.27 7.86
C GLY A 65 -5.54 -15.32 7.05
N HIS A 66 -6.29 -16.09 6.27
CA HIS A 66 -5.70 -17.15 5.45
C HIS A 66 -6.33 -17.16 4.05
N ASP A 67 -5.48 -17.15 3.03
CA ASP A 67 -5.94 -17.17 1.65
C ASP A 67 -5.08 -18.09 0.82
N TYR A 68 -5.14 -17.91 -0.48
CA TYR A 68 -4.40 -18.72 -1.42
C TYR A 68 -3.15 -17.98 -1.91
N TYR A 1 6.11 -12.75 -19.01
CA TYR A 1 5.96 -11.53 -18.17
C TYR A 1 4.62 -10.84 -18.46
N HIS A 2 3.75 -10.82 -17.46
CA HIS A 2 2.45 -10.19 -17.60
C HIS A 2 2.35 -8.93 -16.74
N ALA A 3 1.21 -8.26 -16.80
CA ALA A 3 0.99 -7.05 -16.03
C ALA A 3 0.76 -7.38 -14.55
N ASP A 4 0.72 -6.34 -13.72
CA ASP A 4 0.50 -6.51 -12.28
C ASP A 4 -0.37 -5.39 -11.73
N PRO A 5 -1.66 -5.36 -12.12
CA PRO A 5 -2.60 -4.34 -11.65
C PRO A 5 -3.00 -4.54 -10.19
N SER A 6 -2.82 -5.76 -9.69
CA SER A 6 -3.17 -6.09 -8.32
C SER A 6 -2.24 -5.38 -7.33
N LEU A 7 -2.33 -4.06 -7.30
CA LEU A 7 -1.50 -3.26 -6.40
C LEU A 7 -1.83 -1.78 -6.51
N VAL A 8 -1.71 -1.23 -7.73
CA VAL A 8 -2.00 0.18 -7.96
C VAL A 8 -3.48 0.47 -7.76
N SER A 9 -4.33 -0.47 -8.16
CA SER A 9 -5.78 -0.30 -8.04
C SER A 9 -6.19 -0.20 -6.57
N PHE A 10 -5.38 -0.78 -5.69
CA PHE A 10 -5.69 -0.76 -4.26
C PHE A 10 -4.94 0.37 -3.57
N LEU A 11 -3.66 0.52 -3.86
CA LEU A 11 -2.84 1.57 -3.26
C LEU A 11 -3.54 2.92 -3.39
N THR A 12 -3.93 3.26 -4.61
CA THR A 12 -4.62 4.52 -4.86
C THR A 12 -6.08 4.41 -4.44
N GLY A 13 -6.72 3.31 -4.85
CA GLY A 13 -8.12 3.11 -4.50
C GLY A 13 -8.38 3.32 -3.03
N LEU A 14 -7.36 3.11 -2.21
CA LEU A 14 -7.48 3.30 -0.79
C LEU A 14 -7.99 4.71 -0.47
N GLY A 15 -7.80 5.62 -1.41
CA GLY A 15 -8.22 6.99 -1.21
C GLY A 15 -7.06 7.97 -1.23
N CYS A 16 -5.92 7.52 -1.76
CA CYS A 16 -4.73 8.35 -1.84
C CYS A 16 -4.15 8.33 -3.24
N PRO A 17 -4.72 9.12 -4.17
CA PRO A 17 -4.26 9.19 -5.56
C PRO A 17 -3.00 10.05 -5.73
N ASN A 18 -2.42 10.51 -4.62
CA ASN A 18 -1.23 11.34 -4.66
C ASN A 18 -0.21 10.89 -3.63
N CYS A 19 -0.31 9.64 -3.19
CA CYS A 19 0.60 9.10 -2.19
C CYS A 19 1.46 7.99 -2.79
N ILE A 20 0.92 7.29 -3.79
CA ILE A 20 1.65 6.21 -4.44
C ILE A 20 3.03 6.68 -4.87
N GLU A 21 3.11 7.86 -5.47
CA GLU A 21 4.38 8.40 -5.93
C GLU A 21 5.42 8.34 -4.82
N TYR A 22 5.02 8.72 -3.62
CA TYR A 22 5.92 8.68 -2.47
C TYR A 22 6.23 7.25 -2.07
N PHE A 23 5.22 6.38 -2.22
CA PHE A 23 5.38 4.97 -1.89
C PHE A 23 6.28 4.28 -2.91
N THR A 24 5.99 4.48 -4.18
CA THR A 24 6.78 3.88 -5.26
C THR A 24 8.26 4.24 -5.12
N SER A 25 8.53 5.36 -4.45
CA SER A 25 9.90 5.83 -4.26
C SER A 25 10.79 4.70 -3.75
N GLN A 26 10.22 3.78 -2.99
CA GLN A 26 10.97 2.66 -2.44
C GLN A 26 10.75 1.40 -3.27
N GLY A 27 9.49 1.05 -3.47
CA GLY A 27 9.17 -0.14 -4.25
C GLY A 27 7.78 -0.64 -3.94
N LEU A 28 6.80 0.27 -3.97
CA LEU A 28 5.42 -0.08 -3.68
C LEU A 28 4.62 -0.24 -4.97
N GLN A 29 5.25 -0.86 -5.96
CA GLN A 29 4.58 -1.13 -7.23
C GLN A 29 4.08 -2.58 -7.26
N SER A 30 4.77 -3.44 -6.51
CA SER A 30 4.39 -4.84 -6.40
C SER A 30 3.88 -5.12 -5.00
N ILE A 31 2.56 -5.25 -4.86
CA ILE A 31 1.94 -5.49 -3.56
C ILE A 31 2.71 -6.55 -2.76
N TYR A 32 3.35 -7.46 -3.49
CA TYR A 32 4.15 -8.52 -2.86
C TYR A 32 5.20 -7.91 -1.95
N HIS A 33 5.57 -6.66 -2.21
CA HIS A 33 6.55 -5.96 -1.39
C HIS A 33 5.91 -5.38 -0.13
N LEU A 34 4.59 -5.20 -0.18
CA LEU A 34 3.86 -4.65 0.97
C LEU A 34 2.91 -5.68 1.56
N GLN A 35 3.19 -6.95 1.31
CA GLN A 35 2.36 -8.03 1.80
C GLN A 35 2.30 -8.04 3.33
N ASN A 36 3.38 -7.63 3.95
CA ASN A 36 3.48 -7.63 5.40
C ASN A 36 3.57 -6.21 5.97
N LEU A 37 3.92 -5.27 5.11
CA LEU A 37 4.06 -3.87 5.52
C LEU A 37 2.90 -3.43 6.40
N THR A 38 3.21 -2.63 7.42
CA THR A 38 2.21 -2.15 8.35
C THR A 38 2.29 -0.64 8.51
N ILE A 39 1.39 -0.09 9.32
CA ILE A 39 1.42 1.34 9.62
C ILE A 39 2.77 1.69 10.19
N GLU A 40 3.34 0.76 10.94
CA GLU A 40 4.65 0.93 11.53
C GLU A 40 5.69 1.25 10.47
N ASP A 41 5.68 0.47 9.39
CA ASP A 41 6.61 0.67 8.28
C ASP A 41 6.13 1.80 7.38
N LEU A 42 4.82 2.01 7.35
CA LEU A 42 4.24 3.07 6.53
C LEU A 42 4.87 4.40 6.88
N GLY A 43 4.87 4.73 8.16
CA GLY A 43 5.46 5.98 8.62
C GLY A 43 6.97 5.99 8.42
N ALA A 44 7.55 4.82 8.18
CA ALA A 44 8.99 4.72 7.95
C ALA A 44 9.38 5.42 6.66
N LEU A 45 8.55 5.27 5.63
CA LEU A 45 8.79 5.90 4.35
C LEU A 45 9.14 7.37 4.51
N LYS A 46 8.65 7.96 5.58
CA LYS A 46 8.86 9.38 5.91
C LYS A 46 7.81 10.27 5.25
N ILE A 47 6.74 9.65 4.80
CA ILE A 47 5.64 10.36 4.14
C ILE A 47 4.65 10.89 5.18
N PRO A 48 4.18 12.13 5.03
CA PRO A 48 3.20 12.74 5.94
C PRO A 48 2.07 11.78 6.29
N GLU A 49 1.40 12.03 7.41
CA GLU A 49 0.31 11.18 7.86
C GLU A 49 -1.00 11.56 7.17
N GLN A 50 -1.00 11.50 5.84
CA GLN A 50 -2.19 11.83 5.06
C GLN A 50 -3.14 10.63 5.03
N TYR A 51 -2.65 9.51 4.52
CA TYR A 51 -3.45 8.29 4.45
C TYR A 51 -2.62 7.08 4.88
N ARG A 52 -1.71 7.30 5.83
CA ARG A 52 -0.85 6.24 6.32
C ARG A 52 -1.68 5.07 6.85
N MET A 53 -2.41 5.31 7.93
CA MET A 53 -3.23 4.27 8.54
C MET A 53 -4.20 3.69 7.51
N THR A 54 -4.67 4.53 6.60
CA THR A 54 -5.60 4.09 5.56
C THR A 54 -4.98 2.97 4.73
N ILE A 55 -3.76 3.19 4.26
CA ILE A 55 -3.06 2.19 3.47
C ILE A 55 -2.75 0.95 4.30
N TRP A 56 -2.44 1.17 5.58
CA TRP A 56 -2.17 0.07 6.49
C TRP A 56 -3.38 -0.86 6.57
N ARG A 57 -4.52 -0.28 6.92
CA ARG A 57 -5.76 -1.04 7.02
C ARG A 57 -6.02 -1.81 5.74
N GLY A 58 -5.73 -1.17 4.61
CA GLY A 58 -5.92 -1.82 3.32
C GLY A 58 -4.95 -2.95 3.11
N LEU A 59 -3.70 -2.74 3.52
CA LEU A 59 -2.66 -3.76 3.41
C LEU A 59 -3.02 -4.97 4.28
N GLN A 60 -3.56 -4.70 5.46
CA GLN A 60 -3.96 -5.75 6.37
C GLN A 60 -5.08 -6.59 5.75
N ASP A 61 -5.90 -5.94 4.93
CA ASP A 61 -7.00 -6.62 4.26
C ASP A 61 -6.45 -7.79 3.43
N LEU A 62 -5.26 -7.61 2.89
CA LEU A 62 -4.60 -8.65 2.11
C LEU A 62 -4.37 -9.90 2.96
N LYS A 63 -3.93 -9.68 4.19
CA LYS A 63 -3.67 -10.77 5.12
C LYS A 63 -4.87 -11.01 6.02
N GLN A 64 -6.06 -10.90 5.42
CA GLN A 64 -7.31 -11.10 6.16
C GLN A 64 -8.25 -12.02 5.39
N GLY A 65 -8.37 -11.77 4.09
CA GLY A 65 -9.23 -12.60 3.26
C GLY A 65 -8.55 -13.88 2.80
N HIS A 66 -7.85 -13.80 1.68
CA HIS A 66 -7.15 -14.95 1.14
C HIS A 66 -5.79 -14.55 0.58
N ASP A 67 -5.08 -15.53 0.00
CA ASP A 67 -3.78 -15.27 -0.59
C ASP A 67 -3.18 -16.54 -1.17
N TYR A 68 -2.74 -16.47 -2.42
CA TYR A 68 -2.16 -17.62 -3.11
C TYR A 68 -3.13 -18.79 -3.13
#